data_9IXA
#
_entry.id   9IXA
#
_cell.length_a   1.00
_cell.length_b   1.00
_cell.length_c   1.00
_cell.angle_alpha   90.00
_cell.angle_beta   90.00
_cell.angle_gamma   90.00
#
_symmetry.space_group_name_H-M   'P 1'
#
loop_
_entity.id
_entity.type
_entity.pdbx_description
1 polymer 'CHIKV E2'
2 polymer 'CHIKV E1'
3 polymer 'C34 Fab, Heavy Chain'
4 polymer 'C34 Fab, Light Chain'
5 non-polymer 2-acetamido-2-deoxy-beta-D-glucopyranose
#
loop_
_entity_poly.entity_id
_entity_poly.type
_entity_poly.pdbx_seq_one_letter_code
_entity_poly.pdbx_strand_id
1 'polypeptide(L)'
;MSLAIPVMCLLANTTFPCSQPPCTPCCYEKEPEETLRMLEDNVMRPGYYQLLQASLTCSPHRQRRSTKDNFNVYKATRPY
LAHCPDCGEGHSCHSPVALERIRNEATDGTLKIQVSLQIGIKTDDSHDWTKLRYMDNHMPADAERAGLFVRTSAPCTITG
TMGHFILARCPKGETLTVGFTDSRKISHSCTHPFHHDPPVIGREKFHSRPQHGKELPCSTYVQSTAATTEEIEVHMPPDT
PDRTLMSQQSGNVKITVNGQTVRYKCNCGGSNEGLTTTDKVINNCKVDQCHAAVTNHKKWQYNSPLVPRNAELGDRKGKI
HIPFPLANVTCRVPKARNPTVTYGKNQVIMLLYPDHPTLLSYRNMGEEPNYQEEWVMHKKEVVLTVPTEGLEVTWGNNEP
YKYWPQ
;
A
2 'polypeptide(L)'
;GGGGSGGGGSGGGGSGGGGSYEHVTVIPNTVGVPYKTLVNRPGYSPMVLEMELLSVTLEPTLSLDYITCEYKTVIPSPYV
KCCGTAECKDKNLPDYSCKVFTGVYPFMWGGAYCFCDAENTQLSEAHVEKSESCKTEFASAYRAHTASASAKLRVLYQGN
NITVTAYANGDHAVTVKDAKFIVGPMSSAWTPFDNKIVVYKGDVYNMDYPPFGAGRPGQFGDIQSRTPESKDVYANTQLV
LQRPAAGTVHVPYSQAPSGFKYWLKERGASLQHTAPFGCQIATNPVRAVNCAVGNMPISIDIPEAAFTRVVDAPSLTDMS
CEVPACTHSSDFGGVAIIKYAASKKGKCAVHSMTNAVTIREAEIEVEGNSQLQISFSTALASAEFRVQVCSTQVHCAAEC
HPPKDHIVNYPASHTTLGVQDISATAMSWVQKGWSHPQFEK
;
B
3 'polypeptide(L)'
;EFATMETDTLLLWVLLLWVPGSTGDEVQLVESGGGLVQPGRSLRLSCAASGFTFDDYAMHWVRQAPGKGLEWVSGISWNS
GSIGYADSVKGRFTISRDNAKNSLYLQMNSLRAEDTALYYCAKDMGYSGNDDYYGMDVWGQGTTVTVSSASTKGPSVFPL
APSSKSTSGGTAALGCLVKDYFPEPVTVSWNSGALTSGVHTFPAVLQSSGLYSLSSVVTVPSSSLGTQTYICNVNHKPSN
TKVDKRVEPKSCDKTHTCPPCPHHHHHH
;
H
4 'polypeptide(L)'
;ELATMETDTLLLWVLLLWVPGSTGDDIQLTQSPSSLSASVGDRVTITCRASQRISSYLNWYQQKPGKAPKLLIYGAFSLQ
SGVPSRFSGSGSGTDFTLTISSLQPEDFATYYCQQSYRTLTRTFGQGTKVEIKRTVAAPSVFIFPPSDEQLKSGTASVVC
LLNNFYPREAKVQWKVDNALQSGNSQESVTEQDSKDSTYSLSSTLTLSKADYEKHKVYACEVTHQGLSSPVTKSFNRGEC
S
;
L
#
# COMPACT_ATOMS: atom_id res chain seq x y z
N LYS A 68 -9.03 -10.58 -19.72
CA LYS A 68 -10.36 -10.11 -20.09
C LYS A 68 -10.36 -8.61 -20.38
N ASP A 69 -11.51 -8.09 -20.82
CA ASP A 69 -11.68 -6.68 -21.18
C ASP A 69 -12.40 -5.90 -20.09
N ASN A 70 -12.45 -6.45 -18.89
CA ASN A 70 -13.13 -5.81 -17.77
C ASN A 70 -12.18 -5.10 -16.83
N PHE A 71 -10.96 -4.83 -17.30
CA PHE A 71 -9.98 -4.14 -16.48
C PHE A 71 -9.85 -2.68 -16.91
N ASN A 72 -10.40 -1.80 -16.08
CA ASN A 72 -10.46 -0.38 -16.41
C ASN A 72 -9.39 0.42 -15.69
N VAL A 73 -8.40 -0.28 -15.15
CA VAL A 73 -7.32 0.37 -14.41
C VAL A 73 -6.47 1.24 -15.31
N TYR A 74 -6.56 1.00 -16.61
CA TYR A 74 -5.84 1.78 -17.60
C TYR A 74 -6.75 2.77 -18.32
N LYS A 75 -7.99 2.88 -17.84
CA LYS A 75 -9.01 3.65 -18.54
C LYS A 75 -8.66 5.13 -18.65
N ALA A 76 -7.99 5.67 -17.63
CA ALA A 76 -7.64 7.08 -17.63
C ALA A 76 -6.14 7.28 -17.60
N THR A 77 -5.40 6.34 -18.16
CA THR A 77 -3.94 6.42 -18.13
C THR A 77 -3.34 6.44 -19.53
N ARG A 78 -2.05 6.75 -19.60
CA ARG A 78 -1.34 6.82 -20.88
C ARG A 78 0.03 6.15 -20.79
N PRO A 79 0.60 5.74 -21.92
CA PRO A 79 1.98 5.32 -22.11
C PRO A 79 2.89 6.53 -22.06
N TYR A 80 4.19 6.30 -21.90
CA TYR A 80 5.12 7.43 -21.81
C TYR A 80 6.48 7.13 -22.42
N LEU A 81 7.21 8.20 -22.75
CA LEU A 81 8.59 8.08 -23.19
C LEU A 81 9.52 8.16 -22.00
N ALA A 82 10.60 7.39 -22.03
CA ALA A 82 11.57 7.42 -20.94
C ALA A 82 12.97 7.08 -21.44
N HIS A 83 13.96 7.48 -20.66
CA HIS A 83 15.35 7.26 -21.01
C HIS A 83 15.69 5.79 -21.13
N CYS A 84 16.47 5.45 -22.16
CA CYS A 84 16.97 4.10 -22.40
C CYS A 84 18.45 4.15 -22.79
N PRO A 85 19.31 3.43 -22.06
CA PRO A 85 20.76 3.48 -22.16
C PRO A 85 21.26 2.97 -23.51
N ASP A 86 20.46 2.18 -24.18
CA ASP A 86 20.83 1.65 -25.49
C ASP A 86 19.62 1.41 -26.38
N CYS A 87 19.43 2.27 -27.39
CA CYS A 87 18.30 2.21 -28.29
C CYS A 87 18.73 1.58 -29.62
N GLY A 88 19.89 0.95 -29.60
CA GLY A 88 20.48 0.34 -30.78
C GLY A 88 21.77 1.06 -31.17
N GLU A 89 22.75 0.29 -31.63
CA GLU A 89 24.05 0.80 -32.03
C GLU A 89 24.81 1.43 -30.87
N GLY A 90 24.38 1.14 -29.64
CA GLY A 90 25.08 1.59 -28.45
C GLY A 90 24.73 3.02 -28.06
N HIS A 91 23.77 3.61 -28.75
CA HIS A 91 23.38 4.99 -28.48
C HIS A 91 22.12 5.08 -27.63
N SER A 92 22.17 5.87 -26.57
CA SER A 92 21.02 6.07 -25.70
C SER A 92 20.01 7.04 -26.32
N CYS A 93 18.75 6.96 -25.88
CA CYS A 93 17.70 7.86 -26.34
C CYS A 93 16.50 7.79 -25.40
N HIS A 94 15.48 8.60 -25.68
CA HIS A 94 14.20 8.47 -25.00
C HIS A 94 13.28 7.62 -25.85
N SER A 95 12.84 6.49 -25.29
CA SER A 95 12.14 5.47 -26.07
C SER A 95 10.76 5.13 -25.51
N PRO A 96 9.80 4.86 -26.39
CA PRO A 96 8.44 4.44 -26.10
C PRO A 96 8.37 3.04 -25.52
N VAL A 97 9.44 2.29 -25.65
CA VAL A 97 9.49 0.92 -25.13
C VAL A 97 10.56 0.80 -24.05
N ALA A 98 10.96 1.92 -23.48
CA ALA A 98 11.98 1.90 -22.46
C ALA A 98 11.58 0.96 -21.34
N LEU A 99 12.55 0.17 -20.86
CA LEU A 99 12.30 -0.78 -19.78
C LEU A 99 12.37 -0.09 -18.43
N GLU A 100 11.48 -0.47 -17.53
CA GLU A 100 11.50 0.06 -16.18
C GLU A 100 12.22 -0.90 -15.24
N ARG A 101 11.90 -2.17 -15.37
CA ARG A 101 12.53 -3.19 -14.54
C ARG A 101 12.29 -4.59 -15.07
N ILE A 102 13.11 -5.54 -14.63
CA ILE A 102 12.94 -6.93 -14.99
C ILE A 102 12.78 -7.78 -13.74
N ARG A 103 11.71 -8.56 -13.70
CA ARG A 103 11.46 -9.44 -12.56
C ARG A 103 11.67 -10.90 -12.94
N ASN A 104 12.52 -11.58 -12.17
CA ASN A 104 12.85 -12.97 -12.47
C ASN A 104 12.70 -13.88 -11.24
N GLU A 105 11.61 -13.71 -10.50
CA GLU A 105 11.38 -14.51 -9.31
C GLU A 105 10.90 -15.91 -9.65
N ALA A 106 10.48 -16.09 -10.90
CA ALA A 106 10.07 -17.40 -11.38
C ALA A 106 11.28 -18.32 -11.46
N THR A 107 11.07 -19.59 -11.17
CA THR A 107 12.15 -20.56 -11.19
C THR A 107 12.14 -21.35 -12.49
N ASP A 108 11.02 -21.26 -13.22
CA ASP A 108 10.90 -21.98 -14.48
C ASP A 108 11.52 -21.19 -15.62
N GLY A 109 12.12 -20.04 -15.29
CA GLY A 109 12.85 -19.23 -16.27
C GLY A 109 12.00 -18.12 -16.89
N THR A 110 10.72 -18.05 -16.56
CA THR A 110 9.85 -17.02 -17.12
C THR A 110 10.21 -15.64 -16.57
N LEU A 111 10.33 -14.66 -17.45
CA LEU A 111 10.62 -13.29 -17.03
C LEU A 111 9.39 -12.40 -17.13
N LYS A 112 9.22 -11.55 -16.11
CA LYS A 112 8.18 -10.52 -16.15
C LYS A 112 8.82 -9.17 -16.39
N ILE A 113 8.54 -8.59 -17.55
CA ILE A 113 9.22 -7.38 -17.99
C ILE A 113 8.30 -6.18 -17.97
N GLN A 114 8.70 -5.11 -17.28
CA GLN A 114 7.87 -3.92 -17.24
C GLN A 114 8.40 -2.84 -18.18
N VAL A 115 7.54 -2.37 -19.09
CA VAL A 115 7.92 -1.40 -20.10
C VAL A 115 6.98 -0.19 -20.12
N SER A 116 7.44 0.89 -20.73
CA SER A 116 6.70 2.16 -20.78
C SER A 116 5.47 2.13 -21.69
N LEU A 117 5.38 1.17 -22.61
CA LEU A 117 4.20 1.09 -23.48
C LEU A 117 3.12 0.20 -22.88
N GLN A 118 1.89 0.36 -23.34
CA GLN A 118 0.77 -0.41 -22.79
C GLN A 118 0.15 -1.34 -23.83
N ILE A 119 0.13 -2.64 -23.51
CA ILE A 119 -0.30 -3.67 -24.45
C ILE A 119 -1.74 -4.12 -24.23
N GLY A 120 -2.49 -4.22 -25.32
CA GLY A 120 -3.86 -4.72 -25.28
C GLY A 120 -4.86 -3.58 -25.14
N ILE A 121 -4.35 -2.36 -25.22
CA ILE A 121 -5.18 -1.18 -25.06
C ILE A 121 -5.01 -0.22 -26.23
N LYS A 122 -6.12 0.28 -26.76
CA LYS A 122 -6.09 1.23 -27.85
C LYS A 122 -6.04 2.66 -27.34
N THR A 123 -5.72 3.60 -28.22
CA THR A 123 -5.64 5.01 -27.85
C THR A 123 -7.02 5.61 -27.54
N ASP A 124 -8.06 4.88 -27.92
CA ASP A 124 -9.43 5.31 -27.64
C ASP A 124 -9.91 4.73 -26.31
N ASP A 125 -8.98 4.13 -25.57
CA ASP A 125 -9.23 3.56 -24.25
C ASP A 125 -10.10 2.31 -24.30
N SER A 126 -10.29 1.77 -25.49
CA SER A 126 -10.99 0.50 -25.66
C SER A 126 -10.01 -0.66 -25.57
N HIS A 127 -10.49 -1.81 -25.10
CA HIS A 127 -9.64 -3.00 -25.01
C HIS A 127 -9.56 -3.72 -26.35
N ASP A 128 -8.34 -4.09 -26.72
CA ASP A 128 -8.09 -4.87 -27.94
C ASP A 128 -6.77 -5.62 -27.82
N TRP A 129 -6.86 -6.93 -27.65
CA TRP A 129 -5.67 -7.74 -27.36
C TRP A 129 -4.69 -7.78 -28.53
N THR A 130 -5.12 -7.33 -29.71
CA THR A 130 -4.26 -7.36 -30.88
C THR A 130 -3.48 -6.05 -31.06
N LYS A 131 -3.74 -5.08 -30.20
CA LYS A 131 -3.10 -3.77 -30.33
C LYS A 131 -2.36 -3.35 -29.07
N LEU A 132 -1.33 -2.54 -29.24
CA LEU A 132 -0.68 -1.87 -28.11
C LEU A 132 -0.67 -0.37 -28.37
N ARG A 133 -0.55 0.42 -27.32
CA ARG A 133 -0.45 1.86 -27.49
C ARG A 133 0.84 2.38 -26.87
N TYR A 134 1.47 3.32 -27.57
CA TYR A 134 2.74 3.87 -27.17
C TYR A 134 2.71 5.39 -27.26
N MET A 135 3.60 6.06 -26.54
CA MET A 135 3.63 7.51 -26.59
C MET A 135 4.38 8.00 -27.81
N ASP A 136 3.83 9.01 -28.47
CA ASP A 136 4.41 9.59 -29.67
C ASP A 136 4.30 11.11 -29.66
N ASN A 137 5.33 11.78 -29.16
CA ASN A 137 5.34 13.24 -29.16
C ASN A 137 4.08 13.84 -28.53
N HIS A 138 3.84 13.50 -27.26
CA HIS A 138 2.69 13.98 -26.48
C HIS A 138 1.44 13.13 -26.69
N MET A 139 1.23 12.65 -27.91
CA MET A 139 0.03 11.86 -28.19
C MET A 139 0.34 10.37 -28.13
N PRO A 140 -0.52 9.57 -27.50
CA PRO A 140 -0.59 8.13 -27.60
C PRO A 140 -0.88 7.71 -29.04
N ALA A 141 -0.32 6.60 -29.46
CA ALA A 141 -0.52 6.09 -30.81
C ALA A 141 -0.65 4.57 -30.80
N ASP A 142 -1.41 4.03 -31.75
CA ASP A 142 -1.63 2.60 -31.84
C ASP A 142 -0.50 1.90 -32.60
N ALA A 143 -0.27 0.63 -32.26
CA ALA A 143 0.68 -0.21 -32.98
C ALA A 143 0.22 -1.67 -32.89
N GLU A 144 0.66 -2.48 -33.85
CA GLU A 144 0.26 -3.88 -33.86
C GLU A 144 0.96 -4.65 -32.75
N ARG A 145 0.19 -5.43 -32.00
CA ARG A 145 0.75 -6.25 -30.93
C ARG A 145 1.61 -7.37 -31.51
N ALA A 146 1.31 -7.74 -32.74
CA ALA A 146 2.04 -8.80 -33.43
C ALA A 146 3.48 -8.39 -33.69
N GLY A 147 3.74 -7.09 -33.67
CA GLY A 147 5.07 -6.58 -33.96
C GLY A 147 5.93 -6.51 -32.70
N LEU A 148 5.36 -6.86 -31.55
CA LEU A 148 6.09 -6.81 -30.29
C LEU A 148 7.05 -7.98 -30.18
N PHE A 149 8.29 -7.70 -29.80
CA PHE A 149 9.26 -8.77 -29.63
C PHE A 149 10.10 -8.60 -28.37
N VAL A 150 10.56 -9.73 -27.85
CA VAL A 150 11.52 -9.76 -26.75
C VAL A 150 12.66 -10.70 -27.11
N ARG A 151 13.90 -10.27 -26.88
CA ARG A 151 15.04 -11.15 -27.14
C ARG A 151 16.16 -10.93 -26.13
N THR A 152 17.02 -11.93 -25.99
CA THR A 152 18.24 -11.81 -25.20
C THR A 152 19.44 -12.10 -26.08
N SER A 153 19.94 -13.33 -25.99
CA SER A 153 20.96 -13.82 -26.89
C SER A 153 20.30 -14.39 -28.14
N ALA A 154 19.00 -14.59 -28.00
CA ALA A 154 18.15 -15.15 -29.06
C ALA A 154 16.71 -14.76 -28.75
N PRO A 155 15.79 -14.82 -29.72
CA PRO A 155 14.39 -14.47 -29.59
C PRO A 155 13.72 -15.24 -28.45
N CYS A 156 12.88 -14.54 -27.69
CA CYS A 156 12.16 -15.10 -26.56
C CYS A 156 10.72 -15.44 -26.95
N THR A 157 10.12 -16.38 -26.24
CA THR A 157 8.72 -16.70 -26.48
C THR A 157 7.83 -15.97 -25.49
N ILE A 158 6.92 -15.14 -26.00
CA ILE A 158 6.03 -14.40 -25.14
C ILE A 158 4.84 -15.26 -24.75
N THR A 159 4.56 -15.35 -23.46
CA THR A 159 3.50 -16.22 -22.96
C THR A 159 2.21 -15.45 -22.77
N GLY A 160 2.33 -14.13 -22.62
CA GLY A 160 1.16 -13.27 -22.48
C GLY A 160 1.56 -11.85 -22.12
N THR A 161 0.63 -10.91 -22.30
CA THR A 161 0.89 -9.51 -22.02
C THR A 161 -0.32 -8.81 -21.40
N MET A 162 -0.05 -7.73 -20.67
CA MET A 162 -1.11 -6.83 -20.22
C MET A 162 -0.54 -5.48 -19.81
N GLY A 163 -0.97 -4.43 -20.48
CA GLY A 163 -0.54 -3.10 -20.09
C GLY A 163 0.97 -2.97 -20.16
N HIS A 164 1.56 -2.59 -19.04
CA HIS A 164 2.99 -2.34 -18.97
C HIS A 164 3.81 -3.62 -18.79
N PHE A 165 3.15 -4.76 -18.65
CA PHE A 165 3.86 -5.98 -18.31
C PHE A 165 3.86 -7.04 -19.41
N ILE A 166 5.06 -7.53 -19.73
CA ILE A 166 5.26 -8.58 -20.72
C ILE A 166 5.83 -9.84 -20.07
N LEU A 167 5.20 -10.97 -20.29
CA LEU A 167 5.72 -12.23 -19.77
C LEU A 167 6.33 -13.06 -20.89
N ALA A 168 7.61 -13.41 -20.75
CA ALA A 168 8.30 -14.15 -21.81
C ALA A 168 9.34 -15.09 -21.25
N ARG A 169 9.56 -16.21 -21.95
CA ARG A 169 10.60 -17.17 -21.58
C ARG A 169 11.80 -17.04 -22.51
N CYS A 170 12.90 -16.49 -21.95
CA CYS A 170 14.11 -16.18 -22.72
C CYS A 170 15.23 -17.20 -22.51
N PRO A 171 16.04 -17.44 -23.54
CA PRO A 171 17.29 -18.18 -23.52
C PRO A 171 18.39 -17.41 -22.81
N LYS A 172 19.38 -18.13 -22.30
CA LYS A 172 20.48 -17.55 -21.57
C LYS A 172 21.20 -16.45 -22.36
N GLY A 173 21.46 -15.33 -21.69
CA GLY A 173 22.15 -14.20 -22.32
C GLY A 173 22.47 -13.13 -21.29
N GLU A 174 23.28 -12.15 -21.69
CA GLU A 174 23.72 -11.10 -20.77
C GLU A 174 22.91 -9.82 -20.90
N THR A 175 22.04 -9.76 -21.90
CA THR A 175 21.22 -8.57 -22.13
C THR A 175 19.77 -8.93 -22.40
N LEU A 176 18.89 -7.96 -22.25
CA LEU A 176 17.48 -8.13 -22.60
C LEU A 176 16.98 -6.97 -23.44
N THR A 177 16.38 -7.27 -24.58
CA THR A 177 15.88 -6.25 -25.49
C THR A 177 14.40 -6.40 -25.77
N VAL A 178 13.68 -5.30 -25.70
CA VAL A 178 12.27 -5.27 -26.04
C VAL A 178 12.01 -4.20 -27.07
N GLY A 179 11.13 -4.49 -28.04
CA GLY A 179 10.83 -3.50 -29.06
C GLY A 179 9.56 -3.83 -29.83
N PHE A 180 9.17 -2.89 -30.71
CA PHE A 180 7.95 -3.03 -31.48
C PHE A 180 8.03 -2.20 -32.75
N THR A 181 7.13 -2.45 -33.69
CA THR A 181 7.02 -1.63 -34.89
C THR A 181 5.89 -0.62 -34.71
N ASP A 182 6.20 0.66 -34.92
CA ASP A 182 5.24 1.71 -34.68
C ASP A 182 4.32 1.95 -35.87
N SER A 183 3.48 2.99 -35.77
CA SER A 183 2.47 3.28 -36.78
C SER A 183 3.07 3.79 -38.09
N ARG A 184 4.35 4.14 -38.05
CA ARG A 184 5.05 4.66 -39.21
C ARG A 184 6.00 3.62 -39.79
N LYS A 185 5.86 2.38 -39.32
CA LYS A 185 6.70 1.27 -39.75
C LYS A 185 8.16 1.49 -39.37
N ILE A 186 8.38 2.13 -38.23
CA ILE A 186 9.72 2.32 -37.71
C ILE A 186 9.93 1.44 -36.49
N SER A 187 11.01 0.69 -36.48
CA SER A 187 11.29 -0.20 -35.35
C SER A 187 11.86 0.58 -34.18
N HIS A 188 11.32 0.31 -32.99
CA HIS A 188 11.81 0.90 -31.75
C HIS A 188 12.20 -0.19 -30.79
N SER A 189 13.33 -0.02 -30.12
CA SER A 189 13.80 -1.02 -29.17
C SER A 189 14.56 -0.38 -28.02
N CYS A 190 14.64 -1.11 -26.91
CA CYS A 190 15.43 -0.70 -25.75
C CYS A 190 16.17 -1.90 -25.19
N THR A 191 17.47 -1.75 -24.99
CA THR A 191 18.29 -2.84 -24.46
C THR A 191 18.88 -2.51 -23.11
N HIS A 192 18.65 -3.39 -22.15
CA HIS A 192 19.25 -3.28 -20.84
C HIS A 192 20.17 -4.48 -20.60
N PRO A 193 21.22 -4.32 -19.80
CA PRO A 193 22.04 -5.39 -19.28
C PRO A 193 21.22 -6.23 -18.33
N PHE A 194 21.32 -7.54 -18.45
CA PHE A 194 20.57 -8.43 -17.60
C PHE A 194 21.16 -9.83 -17.60
N HIS A 195 21.64 -10.28 -16.45
CA HIS A 195 22.27 -11.59 -16.37
C HIS A 195 21.23 -12.68 -16.27
N HIS A 196 20.74 -13.12 -17.42
CA HIS A 196 19.70 -14.15 -17.44
C HIS A 196 20.30 -15.53 -17.59
N ASP A 197 20.22 -16.30 -16.52
CA ASP A 197 20.77 -17.64 -16.47
C ASP A 197 19.93 -18.49 -15.53
N PRO A 198 18.86 -19.11 -16.03
CA PRO A 198 17.82 -19.79 -15.29
C PRO A 198 18.43 -20.85 -14.36
N PRO A 199 17.86 -21.02 -13.17
CA PRO A 199 18.24 -21.95 -12.13
C PRO A 199 17.91 -23.37 -12.56
N VAL A 200 18.60 -24.33 -11.98
CA VAL A 200 18.32 -25.73 -12.25
C VAL A 200 17.26 -26.25 -11.30
N ILE A 201 16.22 -26.86 -11.85
CA ILE A 201 15.20 -27.48 -11.04
C ILE A 201 15.53 -28.96 -10.91
N GLY A 202 15.70 -29.42 -9.68
CA GLY A 202 16.15 -30.78 -9.47
C GLY A 202 17.67 -30.86 -9.59
N ARG A 203 18.17 -32.06 -9.83
CA ARG A 203 19.61 -32.32 -9.87
C ARG A 203 20.11 -32.68 -11.25
N GLU A 204 19.29 -32.42 -12.27
CA GLU A 204 19.67 -32.70 -13.65
C GLU A 204 19.42 -31.48 -14.54
N LYS A 205 20.30 -31.28 -15.52
CA LYS A 205 20.14 -30.17 -16.45
C LYS A 205 19.48 -30.64 -17.74
N PHE A 206 18.78 -29.72 -18.41
CA PHE A 206 18.14 -30.03 -19.67
C PHE A 206 17.91 -28.77 -20.50
N HIS A 207 17.77 -28.94 -21.82
CA HIS A 207 17.49 -27.82 -22.70
C HIS A 207 16.00 -27.65 -22.96
N SER A 208 15.23 -28.68 -22.65
CA SER A 208 13.79 -28.65 -22.88
C SER A 208 13.05 -29.58 -21.92
N ARG A 209 11.76 -29.35 -21.75
CA ARG A 209 10.95 -30.19 -20.88
C ARG A 209 10.62 -31.53 -21.57
N PRO A 210 10.84 -32.65 -20.89
CA PRO A 210 10.57 -34.01 -21.33
C PRO A 210 9.08 -34.31 -21.26
N GLN A 211 8.65 -35.33 -22.01
CA GLN A 211 7.26 -35.79 -21.93
C GLN A 211 7.02 -36.61 -20.67
N HIS A 212 8.11 -37.11 -20.07
CA HIS A 212 8.03 -37.87 -18.82
C HIS A 212 9.17 -37.48 -17.89
N GLY A 213 8.91 -37.45 -16.59
CA GLY A 213 9.94 -37.09 -15.64
C GLY A 213 9.38 -36.93 -14.23
N LYS A 214 10.23 -36.50 -13.31
CA LYS A 214 9.84 -36.29 -11.92
C LYS A 214 9.13 -34.97 -11.74
N GLU A 215 8.17 -34.92 -10.82
CA GLU A 215 7.45 -33.70 -10.54
C GLU A 215 7.96 -33.00 -9.29
N LEU A 216 8.56 -31.83 -9.50
CA LEU A 216 9.10 -31.00 -8.42
C LEU A 216 8.46 -29.63 -8.48
N PRO A 217 8.20 -28.99 -7.35
CA PRO A 217 7.65 -27.66 -7.24
C PRO A 217 8.67 -26.60 -7.68
N CYS A 218 8.18 -25.55 -8.35
CA CYS A 218 9.01 -24.38 -8.66
C CYS A 218 8.12 -23.16 -8.87
N SER A 219 8.70 -21.97 -8.78
CA SER A 219 7.90 -20.76 -8.98
C SER A 219 7.65 -20.47 -10.45
N THR A 220 6.46 -19.97 -10.76
CA THR A 220 6.11 -19.54 -12.11
C THR A 220 5.29 -18.26 -12.05
N TYR A 221 5.13 -17.62 -13.19
CA TYR A 221 4.20 -16.50 -13.28
C TYR A 221 2.89 -17.00 -13.89
N VAL A 222 1.79 -16.77 -13.19
CA VAL A 222 0.49 -17.28 -13.60
C VAL A 222 -0.08 -16.46 -14.74
N GLN A 223 -0.64 -17.14 -15.73
CA GLN A 223 -1.24 -16.42 -16.85
C GLN A 223 -2.62 -15.92 -16.46
N SER A 224 -2.62 -14.88 -15.63
CA SER A 224 -3.84 -14.29 -15.10
C SER A 224 -3.73 -12.78 -14.99
N THR A 225 -4.82 -12.11 -15.34
CA THR A 225 -4.90 -10.65 -15.31
C THR A 225 -5.70 -10.18 -14.12
N ALA A 226 -6.13 -11.12 -13.27
CA ALA A 226 -6.97 -10.82 -12.12
C ALA A 226 -6.27 -9.88 -11.15
N ALA A 227 -7.05 -9.04 -10.49
CA ALA A 227 -6.51 -8.04 -9.57
C ALA A 227 -5.74 -8.69 -8.43
N THR A 228 -4.64 -8.07 -8.05
CA THR A 228 -3.79 -8.53 -6.96
C THR A 228 -3.47 -7.40 -5.99
N THR A 229 -2.74 -7.72 -4.93
CA THR A 229 -2.45 -6.74 -3.88
C THR A 229 -1.27 -5.84 -4.23
N GLU A 230 -0.48 -6.24 -5.21
CA GLU A 230 0.67 -5.44 -5.63
C GLU A 230 0.25 -4.48 -6.74
N GLU A 231 0.51 -3.19 -6.53
CA GLU A 231 0.09 -2.17 -7.48
C GLU A 231 1.19 -1.14 -7.73
N ILE A 232 1.15 -0.54 -8.92
CA ILE A 232 2.02 0.60 -9.24
C ILE A 232 1.22 1.89 -9.21
N GLU A 233 1.77 2.91 -8.56
CA GLU A 233 1.06 4.18 -8.45
C GLU A 233 1.05 4.95 -9.75
N VAL A 234 -0.07 5.58 -10.04
CA VAL A 234 -0.21 6.40 -11.23
C VAL A 234 -0.45 7.85 -10.85
N HIS A 235 0.42 8.74 -11.32
CA HIS A 235 0.41 10.14 -10.94
C HIS A 235 0.15 11.05 -12.13
N MET A 236 -0.27 12.28 -11.84
CA MET A 236 -0.36 13.27 -12.91
C MET A 236 1.05 13.61 -13.36
N PRO A 237 1.35 13.47 -14.65
CA PRO A 237 2.66 13.65 -15.25
C PRO A 237 3.08 15.11 -15.22
N PRO A 238 4.39 15.36 -15.29
CA PRO A 238 5.06 16.65 -15.30
C PRO A 238 4.88 17.36 -16.62
N ASP A 239 5.10 18.67 -16.62
CA ASP A 239 5.10 19.40 -17.87
C ASP A 239 6.19 18.84 -18.77
N THR A 240 5.87 18.61 -20.03
CA THR A 240 6.83 18.03 -20.96
C THR A 240 7.42 19.08 -21.90
N PRO A 241 8.72 19.37 -21.78
CA PRO A 241 9.46 20.30 -22.59
C PRO A 241 9.38 19.90 -24.05
N ASP A 242 9.25 20.88 -24.92
CA ASP A 242 9.22 20.61 -26.35
C ASP A 242 9.73 21.79 -27.15
N ARG A 243 10.93 21.66 -27.70
CA ARG A 243 11.57 22.75 -28.41
C ARG A 243 10.93 23.02 -29.75
N THR A 244 10.03 22.14 -30.20
CA THR A 244 9.40 22.31 -31.50
C THR A 244 8.13 23.12 -31.38
N LEU A 245 7.76 23.50 -30.16
CA LEU A 245 6.61 24.35 -29.94
C LEU A 245 6.91 25.77 -30.38
N MET A 246 8.18 26.16 -30.28
CA MET A 246 8.59 27.52 -30.60
C MET A 246 9.23 27.62 -31.97
N SER A 247 8.94 28.71 -32.67
CA SER A 247 9.58 28.98 -33.95
C SER A 247 9.93 30.47 -34.05
N GLN A 248 10.92 30.77 -34.87
CA GLN A 248 11.38 32.15 -35.02
C GLN A 248 10.74 32.82 -36.23
N GLN A 249 9.96 33.87 -35.97
CA GLN A 249 9.33 34.64 -37.03
C GLN A 249 9.86 36.06 -37.00
N SER A 250 10.80 36.37 -37.88
CA SER A 250 11.49 37.65 -37.81
C SER A 250 12.12 37.83 -36.44
N GLY A 251 11.75 38.90 -35.75
CA GLY A 251 12.29 39.19 -34.43
C GLY A 251 11.40 38.69 -33.30
N ASN A 252 10.36 37.93 -33.66
CA ASN A 252 9.40 37.45 -32.67
C ASN A 252 9.44 35.93 -32.51
N VAL A 253 9.00 35.46 -31.35
CA VAL A 253 8.92 34.03 -31.07
C VAL A 253 7.47 33.55 -31.03
N LYS A 254 7.14 32.59 -31.88
CA LYS A 254 5.79 32.06 -31.93
C LYS A 254 5.68 30.72 -31.22
N ILE A 255 4.64 30.56 -30.42
CA ILE A 255 4.36 29.30 -29.75
C ILE A 255 3.15 28.61 -30.38
N THR A 256 3.37 27.43 -30.93
CA THR A 256 2.30 26.64 -31.55
C THR A 256 1.77 25.61 -30.57
N VAL A 257 0.48 25.65 -30.32
CA VAL A 257 -0.12 24.78 -29.30
C VAL A 257 -0.63 23.45 -29.86
N ASN A 258 -1.20 23.48 -31.05
CA ASN A 258 -1.78 22.28 -31.67
C ASN A 258 -2.81 21.61 -30.76
N GLY A 259 -3.61 22.43 -30.07
CA GLY A 259 -4.69 21.92 -29.23
C GLY A 259 -4.24 21.62 -27.80
N GLN A 260 -2.95 21.73 -27.55
CA GLN A 260 -2.40 21.44 -26.23
C GLN A 260 -2.28 22.69 -25.38
N THR A 261 -2.31 22.53 -24.07
CA THR A 261 -2.04 23.65 -23.18
C THR A 261 -0.54 23.78 -22.99
N VAL A 262 -0.01 24.97 -23.22
CA VAL A 262 1.43 25.17 -23.17
C VAL A 262 1.84 26.18 -22.11
N ARG A 263 2.81 25.78 -21.30
CA ARG A 263 3.41 26.68 -20.33
C ARG A 263 4.71 27.21 -20.89
N TYR A 264 4.92 28.52 -20.78
CA TYR A 264 6.14 29.10 -21.31
C TYR A 264 6.79 30.10 -20.38
N LYS A 265 8.11 30.20 -20.47
CA LYS A 265 8.90 31.17 -19.73
C LYS A 265 10.00 31.70 -20.66
N CYS A 266 10.34 32.98 -20.52
CA CYS A 266 11.34 33.60 -21.39
C CYS A 266 12.17 34.64 -20.66
N ASN A 267 13.31 34.99 -21.26
CA ASN A 267 14.11 36.12 -20.79
C ASN A 267 13.79 37.41 -21.57
N CYS A 268 12.70 37.36 -22.35
CA CYS A 268 12.23 38.48 -23.17
C CYS A 268 11.64 39.57 -22.29
N GLY A 269 11.85 40.83 -22.66
CA GLY A 269 11.33 41.93 -21.85
C GLY A 269 9.81 41.94 -21.83
N GLY A 270 9.23 42.28 -20.68
CA GLY A 270 7.78 42.33 -20.53
C GLY A 270 7.23 41.08 -19.86
N SER A 271 5.91 41.00 -19.74
CA SER A 271 5.26 39.88 -19.06
C SER A 271 5.13 38.69 -19.99
N ASN A 272 6.24 37.99 -20.19
CA ASN A 272 6.32 36.92 -21.17
C ASN A 272 6.29 35.54 -20.55
N GLU A 273 5.84 35.46 -19.30
CA GLU A 273 5.64 34.18 -18.62
C GLU A 273 4.16 33.87 -18.57
N GLY A 274 3.79 32.61 -18.74
CA GLY A 274 2.38 32.27 -18.61
C GLY A 274 1.95 31.01 -19.35
N LEU A 275 0.63 30.87 -19.47
CA LEU A 275 0.00 29.72 -20.10
C LEU A 275 -0.71 30.11 -21.39
N THR A 276 -0.83 29.16 -22.31
CA THR A 276 -1.68 29.40 -23.47
C THR A 276 -2.39 28.14 -23.94
N THR A 277 -3.56 28.31 -24.52
CA THR A 277 -4.28 27.23 -25.18
C THR A 277 -4.43 27.55 -26.66
N THR A 278 -3.91 28.71 -27.06
CA THR A 278 -3.99 29.18 -28.43
C THR A 278 -2.61 29.68 -28.88
N ASP A 279 -2.46 29.91 -30.18
CA ASP A 279 -1.19 30.40 -30.69
C ASP A 279 -0.83 31.70 -30.01
N LYS A 280 0.42 31.82 -29.56
CA LYS A 280 0.89 33.00 -28.86
C LYS A 280 2.18 33.52 -29.46
N VAL A 281 2.34 34.84 -29.50
CA VAL A 281 3.56 35.43 -30.00
C VAL A 281 4.22 36.34 -28.98
N ILE A 282 5.51 36.10 -28.75
CA ILE A 282 6.32 36.93 -27.87
C ILE A 282 7.24 37.80 -28.71
N ASN A 283 7.14 39.11 -28.53
CA ASN A 283 7.82 40.04 -29.41
C ASN A 283 9.24 40.39 -28.99
N ASN A 284 10.03 40.82 -29.97
CA ASN A 284 11.36 41.39 -29.75
C ASN A 284 12.33 40.48 -29.00
N CYS A 285 12.39 39.20 -29.37
CA CYS A 285 13.36 38.26 -28.80
C CYS A 285 13.54 37.01 -29.66
N LYS A 286 14.49 36.17 -29.27
CA LYS A 286 14.81 34.96 -30.02
C LYS A 286 14.39 33.70 -29.29
N VAL A 287 14.21 32.62 -30.06
CA VAL A 287 13.78 31.33 -29.53
C VAL A 287 14.70 30.79 -28.45
N ASP A 288 16.00 31.05 -28.58
CA ASP A 288 16.97 30.54 -27.62
C ASP A 288 16.78 31.14 -26.23
N GLN A 289 16.01 32.21 -26.14
CA GLN A 289 15.72 32.85 -24.86
C GLN A 289 14.37 32.43 -24.27
N CYS A 290 13.69 31.47 -24.90
CA CYS A 290 12.39 30.98 -24.45
C CYS A 290 12.39 29.47 -24.22
N HIS A 291 11.54 29.05 -23.29
CA HIS A 291 11.32 27.64 -22.98
C HIS A 291 9.83 27.36 -22.95
N ALA A 292 9.43 26.18 -23.41
CA ALA A 292 8.01 25.85 -23.42
C ALA A 292 7.82 24.36 -23.17
N ALA A 293 6.70 24.03 -22.53
CA ALA A 293 6.36 22.65 -22.22
C ALA A 293 4.86 22.44 -22.27
N VAL A 294 4.45 21.22 -22.57
CA VAL A 294 3.02 20.89 -22.58
C VAL A 294 2.55 20.52 -21.19
N THR A 295 1.47 21.16 -20.75
CA THR A 295 0.93 20.99 -19.41
C THR A 295 -0.55 20.68 -19.46
N ASN A 296 -1.19 20.64 -18.29
CA ASN A 296 -2.61 20.36 -18.20
C ASN A 296 -2.96 19.03 -18.85
N HIS A 297 -2.20 18.00 -18.50
CA HIS A 297 -2.43 16.66 -19.03
C HIS A 297 -3.75 16.11 -18.51
N LYS A 298 -4.42 15.30 -19.32
CA LYS A 298 -5.71 14.74 -18.95
C LYS A 298 -5.62 13.27 -18.54
N LYS A 299 -4.62 12.57 -19.03
CA LYS A 299 -4.44 11.16 -18.69
C LYS A 299 -3.30 11.00 -17.71
N TRP A 300 -3.40 9.99 -16.85
CA TRP A 300 -2.44 9.82 -15.77
C TRP A 300 -1.31 8.86 -16.17
N GLN A 301 -0.17 9.01 -15.51
CA GLN A 301 1.03 8.29 -15.90
C GLN A 301 1.73 7.62 -14.72
N TYR A 302 2.29 6.44 -14.96
CA TYR A 302 3.06 5.74 -13.93
C TYR A 302 4.23 6.59 -13.47
N ASN A 303 4.45 6.63 -12.15
CA ASN A 303 5.50 7.47 -11.59
C ASN A 303 6.87 6.83 -11.72
N SER A 304 7.33 6.70 -12.95
CA SER A 304 8.63 6.12 -13.25
C SER A 304 9.78 6.97 -12.72
N PRO A 305 10.85 6.34 -12.25
CA PRO A 305 12.07 6.95 -11.74
C PRO A 305 12.81 7.71 -12.84
N LEU A 306 12.44 7.45 -14.09
CA LEU A 306 13.08 8.08 -15.24
C LEU A 306 12.33 9.34 -15.68
N VAL A 307 11.24 9.66 -14.99
CA VAL A 307 10.41 10.80 -15.31
C VAL A 307 10.31 11.72 -14.09
N PRO A 308 10.65 13.02 -14.23
CA PRO A 308 10.74 13.99 -13.15
C PRO A 308 9.39 14.23 -12.51
N ARG A 309 9.38 14.39 -11.19
CA ARG A 309 8.16 14.68 -10.44
C ARG A 309 7.96 16.18 -10.35
N ASN A 310 6.71 16.62 -10.48
CA ASN A 310 6.40 18.04 -10.45
C ASN A 310 5.89 18.51 -9.09
N ALA A 311 5.96 17.63 -8.10
CA ALA A 311 5.46 17.98 -6.77
C ALA A 311 6.23 17.24 -5.69
N GLU A 312 6.37 17.86 -4.53
CA GLU A 312 7.16 17.30 -3.44
C GLU A 312 6.74 15.89 -3.04
N LEU A 313 5.45 15.64 -2.93
CA LEU A 313 4.95 14.31 -2.59
C LEU A 313 4.23 13.66 -3.76
N GLY A 314 4.43 14.23 -4.95
CA GLY A 314 3.77 13.73 -6.14
C GLY A 314 2.31 14.16 -6.21
N ASP A 315 1.55 13.51 -7.07
CA ASP A 315 0.14 13.81 -7.24
C ASP A 315 -0.61 12.57 -7.71
N ARG A 316 -0.85 11.66 -6.77
CA ARG A 316 -1.42 10.36 -7.13
C ARG A 316 -2.86 10.48 -7.59
N LYS A 317 -3.18 9.85 -8.71
CA LYS A 317 -4.52 9.88 -9.26
C LYS A 317 -5.20 8.52 -9.23
N GLY A 318 -4.40 7.46 -9.26
CA GLY A 318 -4.95 6.11 -9.24
C GLY A 318 -3.85 5.07 -9.14
N LYS A 319 -4.24 3.80 -9.14
CA LYS A 319 -3.28 2.70 -9.04
C LYS A 319 -3.62 1.59 -10.02
N ILE A 320 -2.57 0.95 -10.55
CA ILE A 320 -2.72 -0.19 -11.45
C ILE A 320 -2.16 -1.46 -10.82
N HIS A 321 -2.95 -2.52 -10.78
CA HIS A 321 -2.48 -3.78 -10.23
C HIS A 321 -1.47 -4.42 -11.15
N ILE A 322 -0.52 -5.15 -10.58
CA ILE A 322 0.45 -5.88 -11.37
C ILE A 322 -0.08 -7.27 -11.73
N PRO A 323 -0.27 -7.56 -13.01
CA PRO A 323 -0.82 -8.77 -13.56
C PRO A 323 0.19 -9.91 -13.51
N PHE A 324 -0.26 -11.12 -13.74
CA PHE A 324 0.60 -12.29 -13.79
C PHE A 324 1.36 -12.51 -12.49
N PRO A 325 0.67 -12.84 -11.41
CA PRO A 325 1.19 -13.04 -10.07
C PRO A 325 2.05 -14.28 -9.98
N LEU A 326 3.00 -14.28 -9.07
CA LEU A 326 3.87 -15.43 -8.84
C LEU A 326 3.14 -16.52 -8.08
N ALA A 327 3.39 -17.78 -8.44
CA ALA A 327 2.79 -18.91 -7.74
C ALA A 327 3.71 -20.12 -7.74
N ASN A 328 3.56 -20.99 -6.75
CA ASN A 328 4.30 -22.25 -6.66
C ASN A 328 3.50 -23.38 -7.31
N VAL A 329 4.03 -23.91 -8.41
CA VAL A 329 3.35 -24.91 -9.22
C VAL A 329 4.23 -26.14 -9.42
N THR A 330 3.62 -27.24 -9.86
CA THR A 330 4.36 -28.45 -10.16
C THR A 330 5.12 -28.29 -11.48
N CYS A 331 6.40 -28.63 -11.47
CA CYS A 331 7.28 -28.52 -12.64
C CYS A 331 7.93 -29.86 -12.93
N ARG A 332 8.03 -30.23 -14.22
CA ARG A 332 8.54 -31.54 -14.58
C ARG A 332 10.01 -31.50 -15.01
N VAL A 333 10.79 -32.45 -14.47
CA VAL A 333 12.19 -32.60 -14.84
C VAL A 333 12.49 -34.05 -15.20
N PRO A 334 13.45 -34.28 -16.10
CA PRO A 334 13.87 -35.58 -16.61
C PRO A 334 14.60 -36.40 -15.57
N LYS A 335 14.58 -37.72 -15.75
CA LYS A 335 15.36 -38.63 -14.92
C LYS A 335 16.47 -39.26 -15.72
N ALA A 336 17.68 -39.28 -15.15
CA ALA A 336 18.81 -39.94 -15.79
C ALA A 336 18.57 -41.44 -15.82
N ARG A 337 19.01 -42.10 -16.88
CA ARG A 337 18.83 -43.54 -16.99
C ARG A 337 19.60 -44.26 -15.88
N ASN A 338 18.98 -45.31 -15.35
CA ASN A 338 19.59 -46.08 -14.26
C ASN A 338 20.94 -46.63 -14.68
N PRO A 339 21.95 -46.54 -13.79
CA PRO A 339 23.32 -46.97 -13.96
C PRO A 339 23.44 -48.49 -13.92
N THR A 340 24.51 -49.01 -14.51
CA THR A 340 24.83 -50.42 -14.35
C THR A 340 25.70 -50.60 -13.12
N VAL A 341 25.31 -51.51 -12.23
CA VAL A 341 26.01 -51.65 -10.97
C VAL A 341 26.58 -53.04 -10.75
N THR A 342 27.87 -53.08 -10.41
CA THR A 342 28.55 -54.32 -10.04
C THR A 342 29.27 -54.11 -8.72
N TYR A 343 29.67 -55.19 -8.07
CA TYR A 343 30.27 -55.06 -6.75
C TYR A 343 31.65 -55.69 -6.64
N GLY A 344 32.48 -55.09 -5.80
CA GLY A 344 33.81 -55.61 -5.47
C GLY A 344 33.89 -55.94 -3.99
N LYS A 345 35.08 -55.77 -3.41
CA LYS A 345 35.25 -56.02 -1.99
C LYS A 345 35.08 -54.74 -1.20
N ASN A 346 33.91 -54.60 -0.57
CA ASN A 346 33.54 -53.37 0.14
C ASN A 346 33.56 -52.18 -0.81
N GLN A 347 33.20 -52.43 -2.07
CA GLN A 347 33.18 -51.40 -3.11
C GLN A 347 31.95 -51.54 -3.99
N VAL A 348 31.45 -50.41 -4.49
CA VAL A 348 30.38 -50.46 -5.49
C VAL A 348 30.81 -49.74 -6.75
N ILE A 349 30.63 -50.40 -7.89
CA ILE A 349 31.05 -49.86 -9.17
C ILE A 349 29.85 -49.46 -10.01
N MET A 350 29.81 -48.21 -10.43
CA MET A 350 28.70 -47.71 -11.24
C MET A 350 29.17 -47.26 -12.61
N LEU A 351 28.41 -47.64 -13.63
CA LEU A 351 28.66 -47.13 -14.98
C LEU A 351 27.59 -46.12 -15.34
N LEU A 352 28.00 -44.86 -15.45
CA LEU A 352 27.07 -43.75 -15.62
C LEU A 352 27.01 -43.26 -17.06
N TYR A 353 25.83 -43.35 -17.67
CA TYR A 353 25.65 -42.93 -19.06
C TYR A 353 24.46 -41.99 -19.22
N PRO A 354 24.51 -40.79 -18.64
CA PRO A 354 23.51 -39.75 -18.72
C PRO A 354 23.47 -39.11 -20.09
N ASP A 355 22.28 -38.65 -20.50
CA ASP A 355 22.13 -37.92 -21.75
C ASP A 355 22.42 -36.44 -21.54
N HIS A 356 22.14 -35.96 -20.33
CA HIS A 356 22.34 -34.57 -19.98
C HIS A 356 23.08 -34.51 -18.64
N PRO A 357 23.83 -33.44 -18.35
CA PRO A 357 24.66 -33.30 -17.18
C PRO A 357 23.84 -33.66 -15.95
N THR A 358 24.39 -34.58 -15.16
CA THR A 358 23.68 -35.11 -14.00
C THR A 358 24.54 -35.06 -12.76
N LEU A 359 23.97 -34.57 -11.67
CA LEU A 359 24.71 -34.49 -10.42
C LEU A 359 24.73 -35.84 -9.72
N LEU A 360 25.94 -36.25 -9.32
CA LEU A 360 26.10 -37.46 -8.52
C LEU A 360 26.55 -37.08 -7.12
N SER A 361 25.88 -37.61 -6.12
CA SER A 361 26.27 -37.34 -4.75
C SER A 361 26.04 -38.55 -3.86
N TYR A 362 26.83 -38.65 -2.79
CA TYR A 362 26.70 -39.78 -1.89
C TYR A 362 27.16 -39.46 -0.48
N ARG A 363 26.66 -40.24 0.47
CA ARG A 363 27.04 -40.13 1.87
C ARG A 363 27.11 -41.49 2.52
N ASN A 364 27.90 -41.59 3.58
CA ASN A 364 27.95 -42.79 4.40
C ASN A 364 26.79 -42.79 5.38
N MET A 365 26.39 -43.97 5.82
CA MET A 365 25.30 -44.12 6.78
C MET A 365 25.82 -44.22 8.21
N GLY A 366 27.09 -43.91 8.40
CA GLY A 366 27.71 -43.96 9.72
C GLY A 366 27.80 -42.57 10.37
N GLU A 367 28.69 -42.45 11.35
CA GLU A 367 28.88 -41.20 12.09
C GLU A 367 29.45 -40.10 11.21
N GLU A 368 30.34 -40.48 10.29
CA GLU A 368 31.00 -39.52 9.40
C GLU A 368 30.59 -39.76 7.95
N PRO A 369 29.65 -38.95 7.43
CA PRO A 369 28.98 -39.13 6.15
C PRO A 369 29.94 -38.94 4.98
N ASN A 370 31.02 -38.19 5.21
CA ASN A 370 32.00 -37.96 4.16
C ASN A 370 31.30 -37.54 2.87
N TYR A 371 30.40 -36.57 2.96
CA TYR A 371 29.61 -36.20 1.80
C TYR A 371 30.45 -35.68 0.66
N GLN A 372 30.19 -36.19 -0.53
CA GLN A 372 30.86 -35.72 -1.74
C GLN A 372 29.86 -35.57 -2.87
N GLU A 373 30.12 -34.63 -3.78
CA GLU A 373 29.29 -34.47 -4.95
C GLU A 373 30.10 -34.02 -6.16
N GLU A 374 29.69 -34.48 -7.34
CA GLU A 374 30.33 -34.08 -8.59
C GLU A 374 29.35 -34.16 -9.75
N TRP A 375 29.59 -33.37 -10.79
CA TRP A 375 28.77 -33.45 -11.99
C TRP A 375 29.32 -34.47 -12.97
N VAL A 376 28.44 -35.30 -13.50
CA VAL A 376 28.80 -36.35 -14.44
C VAL A 376 28.38 -35.99 -15.86
N MET A 377 29.32 -36.05 -16.79
CA MET A 377 29.06 -35.66 -18.16
C MET A 377 28.56 -36.84 -19.01
N HIS A 378 29.46 -37.77 -19.32
CA HIS A 378 29.08 -38.93 -20.14
C HIS A 378 30.10 -40.05 -20.02
N LYS A 379 29.61 -41.30 -20.00
CA LYS A 379 30.48 -42.49 -19.97
C LYS A 379 31.50 -42.45 -18.85
N LYS A 380 31.04 -42.14 -17.64
CA LYS A 380 31.94 -42.06 -16.50
C LYS A 380 31.83 -43.30 -15.61
N GLU A 381 32.98 -43.86 -15.25
CA GLU A 381 33.01 -45.00 -14.35
C GLU A 381 33.37 -44.54 -12.94
N VAL A 382 32.47 -44.81 -12.00
CA VAL A 382 32.68 -44.36 -10.62
C VAL A 382 32.73 -45.53 -9.65
N VAL A 383 33.78 -45.58 -8.85
CA VAL A 383 33.93 -46.62 -7.85
C VAL A 383 33.95 -46.00 -6.45
N LEU A 384 33.00 -46.41 -5.61
CA LEU A 384 32.90 -45.86 -4.26
C LEU A 384 33.13 -46.93 -3.20
N THR A 385 33.75 -46.53 -2.10
CA THR A 385 33.94 -47.42 -0.96
C THR A 385 32.65 -47.56 -0.19
N VAL A 386 32.29 -48.79 0.16
CA VAL A 386 31.07 -49.03 0.91
C VAL A 386 31.40 -49.49 2.33
N PRO A 387 31.04 -48.70 3.36
CA PRO A 387 31.25 -48.95 4.76
C PRO A 387 30.25 -49.99 5.25
N THR A 388 30.49 -50.54 6.43
CA THR A 388 29.62 -51.57 6.97
C THR A 388 28.24 -51.02 7.33
N GLU A 389 28.17 -49.72 7.57
CA GLU A 389 26.88 -49.07 7.85
C GLU A 389 26.04 -48.93 6.59
N GLY A 390 26.69 -48.96 5.44
CA GLY A 390 26.01 -48.79 4.15
C GLY A 390 26.33 -47.46 3.50
N LEU A 391 26.22 -47.43 2.17
CA LEU A 391 26.46 -46.22 1.39
C LEU A 391 25.19 -45.79 0.65
N GLU A 392 24.85 -44.50 0.76
CA GLU A 392 23.69 -43.98 0.05
C GLU A 392 24.11 -43.13 -1.13
N VAL A 393 23.66 -43.50 -2.33
CA VAL A 393 24.05 -42.80 -3.55
C VAL A 393 22.85 -42.20 -4.26
N THR A 394 22.93 -40.90 -4.54
CA THR A 394 21.86 -40.21 -5.25
C THR A 394 22.28 -39.89 -6.68
N TRP A 395 21.52 -40.40 -7.64
CA TRP A 395 21.82 -40.21 -9.04
C TRP A 395 20.79 -39.33 -9.72
N GLY A 396 21.14 -38.06 -9.91
CA GLY A 396 20.23 -37.12 -10.56
C GLY A 396 18.92 -36.99 -9.82
N ASN A 397 17.82 -37.12 -10.56
CA ASN A 397 16.47 -36.98 -10.01
C ASN A 397 15.86 -38.32 -9.64
N ASN A 398 16.68 -39.37 -9.65
CA ASN A 398 16.21 -40.70 -9.27
C ASN A 398 16.26 -40.89 -7.77
N GLU A 399 15.43 -41.81 -7.27
CA GLU A 399 15.44 -42.15 -5.86
C GLU A 399 16.82 -42.72 -5.50
N PRO A 400 17.30 -42.43 -4.28
CA PRO A 400 18.61 -42.82 -3.77
C PRO A 400 18.75 -44.33 -3.69
N TYR A 401 19.95 -44.81 -3.98
CA TYR A 401 20.27 -46.22 -3.91
C TYR A 401 21.05 -46.53 -2.64
N LYS A 402 20.76 -47.67 -2.04
CA LYS A 402 21.48 -48.08 -0.84
C LYS A 402 22.33 -49.33 -1.10
N TYR A 403 23.60 -49.25 -0.73
CA TYR A 403 24.50 -50.38 -0.95
C TYR A 403 25.16 -50.84 0.34
N TRP A 404 25.36 -52.15 0.46
CA TRP A 404 26.07 -52.73 1.59
C TRP A 404 27.10 -53.75 1.09
N PRO A 405 28.15 -54.04 1.88
CA PRO A 405 29.18 -55.02 1.60
C PRO A 405 28.57 -56.41 1.40
N GLN A 406 29.13 -57.16 0.45
CA GLN A 406 28.67 -58.52 0.13
C GLN A 406 29.70 -59.55 0.57
N GLY B 19 -0.37 -60.22 37.80
CA GLY B 19 -0.93 -61.10 36.78
C GLY B 19 -0.03 -61.16 35.54
N SER B 20 0.24 -59.99 34.95
CA SER B 20 1.05 -59.87 33.74
C SER B 20 2.54 -60.02 34.01
N TYR B 21 3.30 -60.27 32.95
CA TYR B 21 4.75 -60.35 33.03
C TYR B 21 5.39 -59.29 32.15
N GLU B 22 6.37 -58.56 32.70
CA GLU B 22 7.05 -57.54 31.94
C GLU B 22 8.35 -58.06 31.34
N HIS B 23 8.41 -58.08 30.02
CA HIS B 23 9.59 -58.55 29.31
C HIS B 23 10.36 -57.38 28.72
N VAL B 24 11.69 -57.41 28.84
CA VAL B 24 12.50 -56.30 28.34
C VAL B 24 13.53 -56.75 27.30
N THR B 25 13.52 -56.06 26.16
CA THR B 25 14.48 -56.33 25.10
C THR B 25 15.02 -55.01 24.55
N VAL B 26 16.14 -55.09 23.83
CA VAL B 26 16.69 -53.91 23.18
C VAL B 26 16.93 -54.14 21.70
N ILE B 27 16.39 -53.24 20.87
CA ILE B 27 16.58 -53.33 19.44
C ILE B 27 17.35 -52.12 18.92
N PRO B 28 18.41 -52.33 18.13
CA PRO B 28 19.20 -51.30 17.45
C PRO B 28 18.27 -50.40 16.66
N ASN B 29 18.59 -49.12 16.59
CA ASN B 29 17.66 -48.18 15.98
C ASN B 29 17.76 -48.21 14.46
N THR B 30 17.34 -49.32 13.89
CA THR B 30 17.37 -49.50 12.44
C THR B 30 16.00 -49.79 11.90
N VAL B 31 15.86 -49.75 10.59
CA VAL B 31 14.55 -49.94 9.97
C VAL B 31 14.56 -51.02 8.89
N GLY B 32 13.53 -51.87 8.91
CA GLY B 32 13.39 -52.92 7.92
C GLY B 32 14.06 -54.21 8.34
N VAL B 33 14.55 -54.24 9.58
CA VAL B 33 15.22 -55.42 10.10
C VAL B 33 14.39 -56.03 11.24
N PRO B 34 13.91 -57.26 11.08
CA PRO B 34 13.14 -58.01 12.05
C PRO B 34 14.03 -58.53 13.17
N TYR B 35 13.46 -58.64 14.37
CA TYR B 35 14.16 -59.22 15.51
C TYR B 35 13.28 -60.23 16.23
N LYS B 36 13.90 -61.28 16.76
CA LYS B 36 13.16 -62.27 17.52
C LYS B 36 13.31 -62.02 19.01
N THR B 37 12.18 -61.91 19.71
CA THR B 37 12.19 -61.71 21.15
C THR B 37 11.77 -62.98 21.87
N LEU B 38 12.64 -63.48 22.75
CA LEU B 38 12.33 -64.70 23.47
C LEU B 38 11.77 -64.40 24.85
N VAL B 39 10.54 -64.87 25.08
CA VAL B 39 9.86 -64.66 26.35
C VAL B 39 9.77 -65.98 27.10
N ASN B 40 10.33 -66.01 28.31
CA ASN B 40 10.33 -67.24 29.08
C ASN B 40 10.01 -67.00 30.55
N ARG B 41 8.72 -66.87 30.85
CA ARG B 41 8.27 -66.70 32.22
C ARG B 41 8.36 -68.04 32.95
N PRO B 42 8.95 -68.10 34.14
CA PRO B 42 9.11 -69.28 34.95
C PRO B 42 7.77 -69.97 35.17
N GLY B 43 7.75 -71.28 34.98
CA GLY B 43 6.54 -72.08 35.16
C GLY B 43 5.78 -72.24 33.84
N TYR B 44 6.22 -71.54 32.80
CA TYR B 44 5.56 -71.57 31.51
C TYR B 44 6.51 -71.93 30.36
N SER B 45 5.95 -72.44 29.28
CA SER B 45 6.72 -72.73 28.08
C SER B 45 7.22 -71.43 27.45
N PRO B 46 8.46 -71.40 26.96
CA PRO B 46 9.07 -70.29 26.26
C PRO B 46 8.39 -70.05 24.92
N MET B 47 8.27 -68.79 24.54
CA MET B 47 7.65 -68.43 23.26
C MET B 47 8.42 -67.31 22.58
N VAL B 48 8.35 -67.26 21.25
CA VAL B 48 9.02 -66.22 20.50
C VAL B 48 8.04 -65.21 19.92
N LEU B 49 8.29 -63.95 20.21
CA LEU B 49 7.51 -62.86 19.64
C LEU B 49 8.29 -62.20 18.53
N GLU B 50 7.66 -62.02 17.38
CA GLU B 50 8.34 -61.39 16.25
C GLU B 50 8.05 -59.90 16.19
N MET B 51 9.10 -59.10 16.22
CA MET B 51 8.94 -57.65 16.19
C MET B 51 9.86 -57.02 15.15
N GLU B 52 9.33 -56.03 14.42
CA GLU B 52 10.12 -55.30 13.44
C GLU B 52 9.89 -53.80 13.55
N LEU B 53 10.95 -53.03 13.39
CA LEU B 53 10.84 -51.58 13.42
C LEU B 53 10.70 -51.02 12.01
N LEU B 54 9.53 -50.45 11.73
CA LEU B 54 9.19 -50.02 10.37
C LEU B 54 9.50 -48.55 10.12
N SER B 55 9.38 -47.74 11.16
CA SER B 55 9.64 -46.31 10.99
C SER B 55 10.10 -45.64 12.28
N VAL B 56 11.09 -44.76 12.14
CA VAL B 56 11.56 -43.95 13.25
C VAL B 56 11.54 -42.48 12.85
N THR B 57 10.85 -41.66 13.62
CA THR B 57 10.76 -40.24 13.29
C THR B 57 11.19 -39.35 14.46
N LEU B 58 12.02 -38.37 14.17
CA LEU B 58 12.45 -37.39 15.16
C LEU B 58 12.03 -35.99 14.74
N GLU B 59 11.25 -35.32 15.57
CA GLU B 59 10.71 -34.00 15.21
C GLU B 59 11.10 -32.92 16.22
N PRO B 60 11.90 -31.93 15.80
CA PRO B 60 12.36 -30.80 16.59
C PRO B 60 11.21 -29.84 16.84
N THR B 61 11.25 -29.13 17.96
CA THR B 61 10.30 -28.06 18.18
C THR B 61 10.87 -26.79 17.58
N LEU B 62 10.11 -26.14 16.71
CA LEU B 62 10.63 -24.98 16.01
C LEU B 62 9.94 -23.70 16.40
N SER B 63 10.74 -22.68 16.68
CA SER B 63 10.24 -21.35 16.96
C SER B 63 10.82 -20.37 15.95
N LEU B 64 9.94 -19.78 15.14
CA LEU B 64 10.39 -18.92 14.06
C LEU B 64 10.96 -17.62 14.59
N ASP B 65 12.15 -17.27 14.12
CA ASP B 65 12.73 -15.98 14.48
C ASP B 65 12.39 -14.96 13.42
N TYR B 66 12.61 -15.33 12.16
CA TYR B 66 12.28 -14.45 11.04
C TYR B 66 12.28 -15.19 9.71
N ILE B 67 11.74 -14.54 8.69
CA ILE B 67 11.77 -15.06 7.33
C ILE B 67 12.58 -14.16 6.41
N THR B 68 13.45 -14.79 5.63
CA THR B 68 14.27 -14.09 4.64
C THR B 68 13.71 -14.32 3.24
N CYS B 69 13.67 -13.25 2.43
CA CYS B 69 13.15 -13.31 1.07
C CYS B 69 13.83 -12.26 0.21
N GLU B 70 13.52 -12.24 -1.08
CA GLU B 70 14.12 -11.25 -1.96
C GLU B 70 13.55 -9.88 -1.65
N TYR B 71 14.42 -8.87 -1.63
CA TYR B 71 13.94 -7.52 -1.38
C TYR B 71 13.64 -6.80 -2.68
N LYS B 72 12.72 -5.86 -2.62
CA LYS B 72 12.36 -5.03 -3.75
C LYS B 72 12.74 -3.58 -3.50
N THR B 73 13.58 -3.02 -4.38
CA THR B 73 13.94 -1.62 -4.23
C THR B 73 12.91 -0.77 -4.95
N VAL B 74 12.32 0.15 -4.21
CA VAL B 74 11.26 0.99 -4.76
C VAL B 74 11.71 2.43 -4.89
N ILE B 75 11.66 2.95 -6.11
CA ILE B 75 12.07 4.31 -6.36
C ILE B 75 10.99 5.09 -7.09
N PRO B 76 10.45 6.14 -6.46
CA PRO B 76 9.46 7.06 -7.00
C PRO B 76 10.13 8.04 -7.96
N SER B 77 9.34 8.71 -8.77
CA SER B 77 9.88 9.74 -9.64
C SER B 77 10.66 10.75 -8.80
N PRO B 78 11.87 11.14 -9.24
CA PRO B 78 12.72 12.12 -8.60
C PRO B 78 12.07 13.48 -8.68
N TYR B 79 12.15 14.25 -7.61
CA TYR B 79 11.53 15.57 -7.60
C TYR B 79 12.51 16.62 -8.07
N VAL B 80 12.16 17.31 -9.14
CA VAL B 80 13.05 18.32 -9.69
C VAL B 80 12.46 19.70 -9.50
N LYS B 81 13.17 20.52 -8.74
CA LYS B 81 12.71 21.87 -8.43
C LYS B 81 13.58 22.89 -9.16
N CYS B 82 12.98 23.60 -10.11
CA CYS B 82 13.71 24.55 -10.95
C CYS B 82 14.05 25.82 -10.16
N CYS B 83 15.32 26.17 -10.13
CA CYS B 83 15.81 27.31 -9.38
C CYS B 83 15.14 27.42 -8.02
N GLY B 84 15.50 26.51 -7.14
CA GLY B 84 15.00 26.46 -5.78
C GLY B 84 15.56 25.23 -5.07
N THR B 85 15.47 25.19 -3.76
CA THR B 85 16.02 24.08 -3.00
C THR B 85 14.93 23.13 -2.51
N ALA B 86 15.08 21.85 -2.83
CA ALA B 86 14.17 20.82 -2.37
C ALA B 86 14.59 20.34 -0.99
N GLU B 87 13.61 20.11 -0.12
CA GLU B 87 13.88 19.61 1.22
C GLU B 87 13.70 18.10 1.30
N CYS B 88 14.54 17.45 2.10
CA CYS B 88 14.47 16.01 2.33
C CYS B 88 13.70 15.71 3.62
N LYS B 89 12.78 14.75 3.55
CA LYS B 89 12.02 14.32 4.71
C LYS B 89 12.50 12.96 5.22
N ASP B 90 12.51 12.80 6.53
CA ASP B 90 12.86 11.52 7.14
C ASP B 90 11.64 10.61 7.23
N LYS B 91 11.67 9.50 6.51
CA LYS B 91 10.55 8.57 6.48
C LYS B 91 10.90 7.29 7.23
N ASN B 92 9.87 6.54 7.61
CA ASN B 92 10.05 5.33 8.43
C ASN B 92 10.04 4.06 7.59
N LEU B 93 10.21 4.21 6.28
CA LEU B 93 10.26 3.06 5.38
C LEU B 93 11.58 2.32 5.62
N PRO B 94 11.63 0.99 5.44
CA PRO B 94 12.79 0.15 5.66
C PRO B 94 13.97 0.61 4.82
N ASP B 95 15.13 0.74 5.46
CA ASP B 95 16.36 1.12 4.78
C ASP B 95 16.13 2.33 3.88
N TYR B 96 15.39 3.31 4.38
CA TYR B 96 15.07 4.49 3.61
C TYR B 96 16.29 5.34 3.34
N SER B 97 16.44 5.77 2.09
CA SER B 97 17.55 6.63 1.69
C SER B 97 17.02 7.87 0.97
N CYS B 98 17.61 9.03 1.29
CA CYS B 98 17.22 10.30 0.71
C CYS B 98 18.43 11.21 0.53
N LYS B 99 18.52 11.83 -0.63
CA LYS B 99 19.63 12.73 -0.92
C LYS B 99 19.19 13.87 -1.84
N VAL B 100 19.69 15.07 -1.57
CA VAL B 100 19.40 16.22 -2.39
C VAL B 100 20.63 16.68 -3.17
N PHE B 101 20.49 16.75 -4.48
CA PHE B 101 21.60 17.12 -5.35
C PHE B 101 21.35 18.50 -5.97
N THR B 102 22.38 19.32 -6.02
CA THR B 102 22.24 20.65 -6.59
C THR B 102 23.08 20.83 -7.84
N GLY B 103 22.74 21.83 -8.64
CA GLY B 103 23.50 22.12 -9.86
C GLY B 103 23.13 21.16 -10.97
N VAL B 104 21.91 20.64 -10.92
CA VAL B 104 21.44 19.66 -11.89
C VAL B 104 20.65 20.32 -13.02
N TYR B 105 20.87 19.89 -14.24
CA TYR B 105 20.12 20.44 -15.37
C TYR B 105 19.52 19.35 -16.25
N PRO B 106 18.47 18.68 -15.77
CA PRO B 106 17.86 17.49 -16.35
C PRO B 106 17.18 17.78 -17.68
N PHE B 107 17.23 16.81 -18.57
CA PHE B 107 16.57 16.90 -19.87
C PHE B 107 15.54 15.81 -20.08
N MET B 108 14.48 16.16 -20.79
CA MET B 108 13.50 15.19 -21.25
C MET B 108 13.60 15.05 -22.76
N TRP B 109 12.79 14.17 -23.34
CA TRP B 109 12.90 13.90 -24.76
C TRP B 109 12.74 15.13 -25.64
N GLY B 110 11.98 16.11 -25.18
CA GLY B 110 11.71 17.29 -26.00
C GLY B 110 12.59 18.50 -25.65
N GLY B 111 13.54 18.32 -24.74
CA GLY B 111 14.40 19.44 -24.34
C GLY B 111 14.59 19.53 -22.83
N ALA B 112 15.26 20.59 -22.39
CA ALA B 112 15.57 20.77 -20.98
C ALA B 112 14.32 20.89 -20.13
N TYR B 113 14.33 20.28 -18.95
CA TYR B 113 13.19 20.35 -18.05
C TYR B 113 13.00 21.76 -17.47
N CYS B 114 14.10 22.40 -17.07
CA CYS B 114 14.07 23.72 -16.46
C CYS B 114 14.60 24.79 -17.41
N PHE B 115 13.98 25.97 -17.37
CA PHE B 115 14.50 27.12 -18.10
C PHE B 115 15.59 27.83 -17.30
N CYS B 116 15.34 28.02 -16.01
CA CYS B 116 16.28 28.66 -15.09
C CYS B 116 17.15 27.59 -14.45
N ASP B 117 18.47 27.68 -14.66
CA ASP B 117 19.39 26.67 -14.15
C ASP B 117 20.30 27.20 -13.04
N ALA B 118 19.98 28.38 -12.52
CA ALA B 118 20.84 29.02 -11.53
C ALA B 118 20.92 28.22 -10.23
N GLU B 119 19.80 27.63 -9.82
CA GLU B 119 19.76 26.93 -8.54
C GLU B 119 18.93 25.64 -8.60
N ASN B 120 19.03 24.91 -9.70
CA ASN B 120 18.25 23.68 -9.82
C ASN B 120 18.64 22.65 -8.77
N THR B 121 17.65 22.05 -8.14
CA THR B 121 17.86 21.03 -7.13
C THR B 121 17.00 19.79 -7.38
N GLN B 122 17.59 18.62 -7.24
CA GLN B 122 16.84 17.37 -7.37
C GLN B 122 16.81 16.58 -6.08
N LEU B 123 15.62 16.18 -5.68
CA LEU B 123 15.42 15.34 -4.50
C LEU B 123 15.18 13.90 -4.90
N SER B 124 16.10 13.02 -4.52
CA SER B 124 16.00 11.61 -4.86
C SER B 124 15.70 10.78 -3.62
N GLU B 125 14.83 9.79 -3.78
CA GLU B 125 14.45 8.93 -2.67
C GLU B 125 14.41 7.48 -3.08
N ALA B 126 14.69 6.58 -2.14
CA ALA B 126 14.53 5.16 -2.39
C ALA B 126 14.31 4.41 -1.07
N HIS B 127 13.59 3.30 -1.14
CA HIS B 127 13.41 2.46 0.03
C HIS B 127 13.24 1.00 -0.35
N VAL B 128 13.31 0.14 0.66
CA VAL B 128 13.24 -1.30 0.42
C VAL B 128 11.97 -1.93 0.96
N GLU B 129 11.26 -2.65 0.12
CA GLU B 129 10.04 -3.35 0.49
C GLU B 129 10.19 -4.85 0.28
N LYS B 130 9.35 -5.64 0.93
CA LYS B 130 9.29 -7.06 0.64
C LYS B 130 8.78 -7.26 -0.79
N SER B 131 9.41 -8.14 -1.54
CA SER B 131 8.98 -8.41 -2.91
C SER B 131 7.72 -9.27 -2.92
N GLU B 132 7.08 -9.34 -4.08
CA GLU B 132 5.89 -10.17 -4.24
C GLU B 132 6.20 -11.62 -3.90
N SER B 133 7.40 -12.05 -4.24
CA SER B 133 7.83 -13.43 -4.04
C SER B 133 8.00 -13.83 -2.58
N CYS B 134 7.96 -12.86 -1.66
CA CYS B 134 8.14 -13.15 -0.23
C CYS B 134 6.99 -14.00 0.30
N LYS B 135 5.93 -14.14 -0.48
CA LYS B 135 4.81 -15.00 -0.12
C LYS B 135 4.96 -16.40 -0.72
N THR B 136 5.92 -16.57 -1.63
CA THR B 136 6.13 -17.83 -2.33
C THR B 136 7.54 -18.34 -2.15
N GLU B 137 8.52 -17.52 -2.52
CA GLU B 137 9.93 -17.88 -2.43
C GLU B 137 10.59 -17.23 -1.23
N PHE B 138 10.72 -17.99 -0.15
CA PHE B 138 11.30 -17.48 1.08
C PHE B 138 11.87 -18.61 1.91
N ALA B 139 12.72 -18.28 2.87
CA ALA B 139 13.25 -19.28 3.79
C ALA B 139 13.01 -18.87 5.23
N SER B 140 12.60 -19.82 6.05
CA SER B 140 12.29 -19.56 7.44
C SER B 140 13.45 -19.90 8.37
N ALA B 141 13.82 -18.94 9.21
CA ALA B 141 14.89 -19.13 10.18
C ALA B 141 14.31 -19.53 11.52
N TYR B 142 14.58 -20.77 11.94
CA TYR B 142 13.99 -21.34 13.15
C TYR B 142 15.02 -21.64 14.23
N ARG B 143 14.57 -21.58 15.48
CA ARG B 143 15.31 -22.15 16.59
C ARG B 143 14.78 -23.55 16.88
N ALA B 144 15.66 -24.55 16.86
CA ALA B 144 15.26 -25.93 17.03
C ALA B 144 15.66 -26.45 18.40
N HIS B 145 14.72 -27.08 19.10
CA HIS B 145 15.00 -27.61 20.44
C HIS B 145 14.11 -28.80 20.82
N THR B 146 14.56 -29.54 21.84
CA THR B 146 13.80 -30.62 22.46
C THR B 146 13.01 -31.44 21.45
N ALA B 147 13.72 -32.13 20.55
CA ALA B 147 13.06 -32.95 19.55
C ALA B 147 12.38 -34.16 20.19
N SER B 148 11.21 -34.50 19.67
CA SER B 148 10.44 -35.65 20.16
C SER B 148 10.65 -36.88 19.28
N ALA B 149 11.03 -37.99 19.90
CA ALA B 149 11.26 -39.22 19.16
C ALA B 149 10.06 -40.16 19.26
N SER B 150 9.71 -40.79 18.13
CA SER B 150 8.64 -41.77 18.10
C SER B 150 8.97 -42.89 17.13
N ALA B 151 8.28 -44.02 17.27
CA ALA B 151 8.57 -45.16 16.41
C ALA B 151 7.33 -46.00 16.13
N LYS B 152 7.33 -46.65 14.97
CA LYS B 152 6.28 -47.58 14.56
C LYS B 152 6.79 -49.00 14.52
N LEU B 153 6.19 -49.87 15.32
CA LEU B 153 6.60 -51.26 15.43
C LEU B 153 5.56 -52.21 14.87
N ARG B 154 6.04 -53.24 14.17
CA ARG B 154 5.19 -54.34 13.75
C ARG B 154 5.33 -55.50 14.71
N VAL B 155 4.23 -55.93 15.30
CA VAL B 155 4.30 -57.02 16.27
C VAL B 155 3.45 -58.19 15.81
N LEU B 156 4.06 -59.37 15.74
CA LEU B 156 3.38 -60.58 15.31
C LEU B 156 3.25 -61.59 16.42
N TYR B 157 2.02 -61.80 16.88
CA TYR B 157 1.73 -62.75 17.95
C TYR B 157 0.60 -63.70 17.56
N GLN B 158 0.87 -64.99 17.61
CA GLN B 158 -0.12 -66.00 17.26
C GLN B 158 -0.69 -65.80 15.87
N GLY B 159 0.16 -65.36 14.94
CA GLY B 159 -0.25 -65.18 13.55
C GLY B 159 -0.89 -63.81 13.28
N ASN B 160 -1.09 -63.03 14.34
CA ASN B 160 -1.74 -61.73 14.23
C ASN B 160 -0.74 -60.58 14.15
N ASN B 161 -0.73 -59.90 13.01
CA ASN B 161 0.13 -58.72 12.81
C ASN B 161 -0.59 -57.46 13.25
N ILE B 162 -0.03 -56.79 14.25
CA ILE B 162 -0.61 -55.58 14.79
C ILE B 162 0.35 -54.40 14.70
N THR B 163 -0.20 -53.19 14.69
CA THR B 163 0.62 -51.99 14.61
C THR B 163 0.70 -51.28 15.94
N VAL B 164 1.93 -51.04 16.40
CA VAL B 164 2.16 -50.36 17.66
C VAL B 164 2.91 -49.05 17.46
N THR B 165 2.30 -47.95 17.85
CA THR B 165 2.94 -46.64 17.74
C THR B 165 3.03 -45.96 19.10
N ALA B 166 4.23 -45.49 19.44
CA ALA B 166 4.45 -44.84 20.74
C ALA B 166 5.63 -43.88 20.67
N TYR B 167 5.68 -42.96 21.62
CA TYR B 167 6.81 -42.04 21.72
C TYR B 167 7.96 -42.69 22.45
N ALA B 168 9.16 -42.59 21.88
CA ALA B 168 10.32 -43.28 22.43
C ALA B 168 11.00 -42.45 23.51
N ASN B 169 10.25 -42.16 24.57
CA ASN B 169 10.77 -41.37 25.69
C ASN B 169 11.01 -42.22 26.93
N GLY B 170 10.41 -43.41 26.96
CA GLY B 170 10.50 -44.28 28.13
C GLY B 170 9.36 -44.03 29.12
N ASP B 171 8.61 -42.97 28.92
CA ASP B 171 7.49 -42.63 29.79
C ASP B 171 6.17 -42.65 29.03
N HIS B 172 6.18 -43.24 27.84
CA HIS B 172 4.98 -43.33 27.02
C HIS B 172 4.78 -44.74 26.50
N ALA B 173 3.53 -45.18 26.51
CA ALA B 173 3.19 -46.53 26.07
C ALA B 173 1.76 -46.59 25.55
N VAL B 174 1.49 -47.57 24.70
CA VAL B 174 0.16 -47.80 24.20
C VAL B 174 -0.24 -49.26 24.41
N THR B 175 -1.53 -49.53 24.41
CA THR B 175 -2.00 -50.90 24.56
C THR B 175 -2.68 -51.40 23.30
N VAL B 176 -2.17 -52.49 22.76
CA VAL B 176 -2.72 -53.10 21.56
C VAL B 176 -2.97 -54.59 21.82
N LYS B 177 -4.20 -55.04 21.62
CA LYS B 177 -4.57 -56.43 21.91
C LYS B 177 -4.23 -56.78 23.37
N ASP B 178 -4.51 -55.85 24.26
CA ASP B 178 -4.32 -56.02 25.70
C ASP B 178 -2.86 -56.13 26.13
N ALA B 179 -1.94 -55.87 25.19
CA ALA B 179 -0.52 -55.84 25.54
C ALA B 179 -0.03 -54.40 25.56
N LYS B 180 0.66 -54.03 26.63
CA LYS B 180 1.17 -52.66 26.76
C LYS B 180 2.61 -52.57 26.28
N PHE B 181 2.86 -51.67 25.35
CA PHE B 181 4.18 -51.52 24.77
C PHE B 181 4.84 -50.21 25.18
N ILE B 182 5.90 -50.32 25.98
CA ILE B 182 6.64 -49.16 26.47
C ILE B 182 7.89 -48.97 25.62
N VAL B 183 8.02 -47.80 25.01
CA VAL B 183 9.12 -47.57 24.08
C VAL B 183 10.06 -46.48 24.57
N GLY B 184 11.36 -46.78 24.59
CA GLY B 184 12.38 -45.83 25.01
C GLY B 184 12.78 -46.07 26.47
N PRO B 185 13.64 -45.21 27.01
CA PRO B 185 14.23 -44.02 26.41
C PRO B 185 15.27 -44.40 25.37
N MET B 186 15.53 -43.49 24.43
CA MET B 186 16.55 -43.73 23.42
C MET B 186 17.94 -43.66 24.03
N SER B 187 18.86 -44.48 23.52
CA SER B 187 20.23 -44.49 24.02
C SER B 187 20.99 -43.23 23.61
N SER B 188 20.44 -42.50 22.65
CA SER B 188 21.05 -41.26 22.19
C SER B 188 20.01 -40.20 21.90
N ALA B 189 20.33 -38.96 22.25
CA ALA B 189 19.44 -37.83 22.03
C ALA B 189 19.93 -37.00 20.85
N TRP B 190 20.83 -37.59 20.06
CA TRP B 190 21.42 -36.90 18.93
C TRP B 190 20.41 -36.59 17.84
N THR B 191 20.52 -35.41 17.25
CA THR B 191 19.67 -34.98 16.14
C THR B 191 20.54 -34.40 15.02
N PRO B 192 20.15 -34.62 13.75
CA PRO B 192 20.78 -34.08 12.55
C PRO B 192 20.60 -32.57 12.43
N PHE B 193 19.62 -32.04 13.17
CA PHE B 193 19.31 -30.62 13.10
C PHE B 193 20.07 -29.85 14.16
N ASP B 194 20.71 -28.76 13.77
CA ASP B 194 21.42 -27.93 14.74
C ASP B 194 20.45 -27.03 15.47
N ASN B 195 20.96 -26.24 16.40
CA ASN B 195 20.11 -25.36 17.20
C ASN B 195 19.47 -24.29 16.32
N LYS B 196 20.18 -23.91 15.26
CA LYS B 196 19.66 -22.92 14.33
C LYS B 196 19.60 -23.48 12.93
N ILE B 197 18.38 -23.55 12.38
CA ILE B 197 18.20 -24.12 11.05
C ILE B 197 17.41 -23.18 10.15
N VAL B 198 17.58 -23.36 8.86
CA VAL B 198 16.82 -22.61 7.87
C VAL B 198 16.07 -23.55 6.95
N VAL B 199 14.77 -23.31 6.78
CA VAL B 199 13.94 -24.19 5.98
C VAL B 199 13.47 -23.52 4.70
N TYR B 200 13.79 -24.12 3.57
CA TYR B 200 13.39 -23.61 2.27
C TYR B 200 12.69 -24.71 1.49
N LYS B 201 11.39 -24.53 1.24
CA LYS B 201 10.61 -25.55 0.56
C LYS B 201 10.79 -26.92 1.21
N GLY B 202 11.36 -27.86 0.46
CA GLY B 202 11.53 -29.22 0.95
C GLY B 202 12.89 -29.48 1.57
N ASP B 203 13.74 -28.45 1.63
CA ASP B 203 15.10 -28.61 2.12
C ASP B 203 15.34 -27.90 3.44
N VAL B 204 16.16 -28.52 4.29
CA VAL B 204 16.57 -27.92 5.55
C VAL B 204 18.08 -27.79 5.62
N TYR B 205 18.55 -26.62 6.05
CA TYR B 205 19.98 -26.37 6.17
C TYR B 205 20.35 -26.01 7.61
N ASN B 206 21.55 -26.44 8.01
CA ASN B 206 22.11 -26.02 9.30
C ASN B 206 22.97 -24.78 9.10
N MET B 207 22.48 -23.63 9.55
CA MET B 207 23.19 -22.38 9.32
C MET B 207 23.11 -21.43 10.50
N ASP B 208 24.22 -20.78 10.81
CA ASP B 208 24.26 -19.80 11.88
C ASP B 208 23.79 -18.44 11.37
N TYR B 209 22.50 -18.32 11.12
CA TYR B 209 21.93 -17.09 10.60
C TYR B 209 21.99 -15.99 11.66
N PRO B 210 22.13 -14.72 11.26
CA PRO B 210 22.19 -13.55 12.12
C PRO B 210 20.84 -13.32 12.79
N PRO B 211 20.84 -12.68 13.96
CA PRO B 211 19.69 -12.33 14.77
C PRO B 211 18.89 -11.21 14.13
N PHE B 212 17.62 -11.13 14.47
CA PHE B 212 16.74 -10.11 13.92
C PHE B 212 17.19 -8.72 14.33
N GLY B 213 17.21 -7.80 13.36
CA GLY B 213 17.59 -6.42 13.61
C GLY B 213 19.07 -6.18 13.38
N ALA B 214 19.83 -7.24 13.13
CA ALA B 214 21.27 -7.12 12.91
C ALA B 214 21.75 -8.04 11.80
N GLY B 215 21.23 -7.84 10.60
CA GLY B 215 21.62 -8.65 9.45
C GLY B 215 22.80 -8.00 8.72
N ARG B 216 23.19 -8.59 7.60
CA ARG B 216 24.29 -8.04 6.81
C ARG B 216 23.94 -8.03 5.32
N PRO B 217 24.36 -7.00 4.59
CA PRO B 217 24.14 -6.78 3.18
C PRO B 217 24.83 -7.85 2.35
N GLY B 218 24.12 -8.40 1.38
CA GLY B 218 24.68 -9.40 0.49
C GLY B 218 24.62 -10.80 1.10
N GLN B 219 24.22 -10.88 2.36
CA GLN B 219 24.19 -12.14 3.08
C GLN B 219 22.77 -12.54 3.47
N PHE B 220 22.56 -13.81 3.74
CA PHE B 220 21.25 -14.27 4.18
C PHE B 220 20.81 -13.46 5.38
N GLY B 221 19.56 -13.00 5.37
CA GLY B 221 19.04 -12.20 6.47
C GLY B 221 19.26 -10.70 6.26
N ASP B 222 19.44 -10.28 5.01
CA ASP B 222 19.60 -8.87 4.70
C ASP B 222 18.28 -8.14 4.88
N ILE B 223 17.20 -8.80 4.47
CA ILE B 223 15.84 -8.33 4.70
C ILE B 223 15.10 -9.35 5.55
N GLN B 224 14.47 -8.89 6.63
CA GLN B 224 13.83 -9.81 7.55
C GLN B 224 12.46 -9.35 8.01
N SER B 225 11.57 -10.32 8.25
CA SER B 225 10.30 -10.05 8.90
C SER B 225 9.93 -11.20 9.82
N ARG B 226 9.16 -10.91 10.86
CA ARG B 226 8.79 -11.96 11.82
C ARG B 226 7.79 -12.94 11.23
N THR B 227 6.85 -12.42 10.45
CA THR B 227 5.85 -13.25 9.78
C THR B 227 5.66 -12.75 8.35
N PRO B 228 5.17 -13.60 7.43
CA PRO B 228 4.93 -13.29 6.03
C PRO B 228 4.03 -12.08 5.84
N GLU B 229 3.10 -11.88 6.78
CA GLU B 229 2.14 -10.79 6.67
C GLU B 229 2.48 -9.58 7.54
N SER B 230 3.63 -9.61 8.19
CA SER B 230 4.00 -8.52 9.09
C SER B 230 4.30 -7.24 8.33
N LYS B 231 3.94 -6.12 8.93
CA LYS B 231 4.26 -4.81 8.37
C LYS B 231 5.58 -4.28 8.94
N ASP B 232 6.12 -5.02 9.91
CA ASP B 232 7.37 -4.65 10.55
C ASP B 232 8.54 -5.31 9.83
N VAL B 233 9.19 -4.55 8.95
CA VAL B 233 10.23 -5.12 8.10
C VAL B 233 11.58 -4.47 8.34
N TYR B 234 12.58 -5.30 8.59
CA TYR B 234 13.95 -4.85 8.77
C TYR B 234 14.74 -5.07 7.50
N ALA B 235 15.56 -4.09 7.13
CA ALA B 235 16.38 -4.26 5.94
C ALA B 235 17.68 -3.49 6.06
N ASN B 236 18.76 -4.11 5.57
CA ASN B 236 20.06 -3.48 5.49
C ASN B 236 20.74 -3.85 4.18
N THR B 237 20.55 -3.02 3.16
CA THR B 237 21.10 -3.30 1.85
C THR B 237 22.19 -2.32 1.49
N GLN B 238 22.52 -1.43 2.43
CA GLN B 238 23.51 -0.39 2.20
C GLN B 238 23.19 0.41 0.97
N LEU B 239 21.94 0.87 0.89
CA LEU B 239 21.47 1.61 -0.28
C LEU B 239 21.90 3.07 -0.21
N VAL B 240 22.69 3.49 -1.21
CA VAL B 240 23.20 4.84 -1.30
C VAL B 240 22.82 5.47 -2.62
N LEU B 241 22.21 6.65 -2.56
CA LEU B 241 21.80 7.34 -3.78
C LEU B 241 22.95 8.10 -4.40
N GLN B 242 23.05 8.04 -5.72
CA GLN B 242 24.13 8.69 -6.46
C GLN B 242 23.61 9.86 -7.28
N ARG B 243 24.52 10.77 -7.65
CA ARG B 243 24.17 11.94 -8.44
C ARG B 243 23.73 11.52 -9.84
N PRO B 244 22.71 12.19 -10.41
CA PRO B 244 22.24 12.07 -11.78
C PRO B 244 23.35 12.28 -12.80
N ALA B 245 23.30 11.54 -13.89
CA ALA B 245 24.36 11.55 -14.89
C ALA B 245 24.26 12.73 -15.85
N ALA B 246 24.68 13.89 -15.38
CA ALA B 246 24.89 15.06 -16.24
C ALA B 246 23.69 15.38 -17.13
N GLY B 247 22.52 15.51 -16.55
CA GLY B 247 21.33 15.91 -17.32
C GLY B 247 20.39 14.74 -17.57
N THR B 248 20.85 13.52 -17.35
CA THR B 248 19.98 12.37 -17.47
C THR B 248 19.02 12.35 -16.29
N VAL B 249 17.74 12.09 -16.55
CA VAL B 249 16.81 11.96 -15.45
C VAL B 249 16.66 10.51 -15.05
N HIS B 250 17.17 10.20 -13.88
CA HIS B 250 17.13 8.85 -13.33
C HIS B 250 17.57 8.90 -11.88
N VAL B 251 17.46 7.77 -11.21
CA VAL B 251 17.93 7.68 -9.83
C VAL B 251 18.92 6.55 -9.68
N PRO B 252 20.21 6.78 -9.97
CA PRO B 252 21.29 5.84 -9.87
C PRO B 252 21.57 5.58 -8.40
N TYR B 253 21.98 4.38 -8.07
CA TYR B 253 22.27 4.06 -6.68
C TYR B 253 23.22 2.88 -6.56
N SER B 254 23.86 2.78 -5.40
CA SER B 254 24.68 1.64 -5.05
C SER B 254 23.98 0.81 -3.99
N GLN B 255 23.77 -0.46 -4.27
CA GLN B 255 23.06 -1.33 -3.33
C GLN B 255 23.67 -2.72 -3.32
N ALA B 256 23.69 -3.34 -2.15
CA ALA B 256 24.20 -4.69 -2.03
C ALA B 256 23.28 -5.67 -2.77
N PRO B 257 23.83 -6.73 -3.36
CA PRO B 257 23.13 -7.85 -3.95
C PRO B 257 22.20 -8.49 -2.94
N SER B 258 21.08 -9.02 -3.42
CA SER B 258 20.13 -9.67 -2.53
C SER B 258 20.80 -10.80 -1.78
N GLY B 259 20.62 -10.79 -0.46
CA GLY B 259 21.22 -11.82 0.39
C GLY B 259 20.54 -13.15 0.18
N PHE B 260 19.26 -13.11 -0.18
CA PHE B 260 18.51 -14.33 -0.42
C PHE B 260 18.95 -14.98 -1.72
N LYS B 261 19.13 -14.17 -2.76
CA LYS B 261 19.58 -14.70 -4.05
C LYS B 261 20.98 -15.28 -3.91
N TYR B 262 21.82 -14.58 -3.16
CA TYR B 262 23.17 -15.05 -2.89
C TYR B 262 23.13 -16.39 -2.18
N TRP B 263 22.32 -16.47 -1.13
CA TRP B 263 22.19 -17.71 -0.38
C TRP B 263 21.67 -18.84 -1.24
N LEU B 264 20.67 -18.56 -2.08
CA LEU B 264 20.08 -19.61 -2.91
C LEU B 264 21.11 -20.25 -3.83
N LYS B 265 22.03 -19.45 -4.34
CA LYS B 265 23.08 -19.96 -5.22
C LYS B 265 24.19 -20.65 -4.44
N GLU B 266 24.40 -20.23 -3.19
CA GLU B 266 25.47 -20.75 -2.36
C GLU B 266 24.97 -21.73 -1.30
N ARG B 267 23.74 -22.20 -1.44
CA ARG B 267 23.15 -23.10 -0.45
C ARG B 267 23.97 -24.35 -0.22
N GLY B 268 24.48 -24.92 -1.29
CA GLY B 268 25.19 -26.19 -1.20
C GLY B 268 24.20 -27.32 -1.00
N ALA B 269 24.69 -28.46 -0.54
CA ALA B 269 23.82 -29.61 -0.32
C ALA B 269 23.01 -29.45 0.95
N SER B 270 21.76 -29.90 0.92
CA SER B 270 20.87 -29.86 2.07
C SER B 270 21.10 -31.04 2.99
N LEU B 271 20.51 -31.00 4.18
CA LEU B 271 20.71 -32.06 5.16
C LEU B 271 20.19 -33.40 4.65
N GLN B 272 19.27 -33.36 3.71
CA GLN B 272 18.73 -34.58 3.11
C GLN B 272 19.85 -35.38 2.44
N HIS B 273 20.92 -34.68 2.05
CA HIS B 273 22.02 -35.33 1.37
C HIS B 273 23.30 -35.38 2.21
N THR B 274 23.41 -34.52 3.22
CA THR B 274 24.65 -34.42 3.98
C THR B 274 24.55 -35.00 5.40
N ALA B 275 23.35 -35.18 5.91
CA ALA B 275 23.19 -35.64 7.28
C ALA B 275 23.77 -37.05 7.45
N PRO B 276 24.39 -37.33 8.61
CA PRO B 276 24.97 -38.59 9.02
C PRO B 276 23.90 -39.61 9.40
N PHE B 277 24.31 -40.86 9.55
CA PHE B 277 23.45 -41.96 9.98
C PHE B 277 22.34 -42.27 8.97
N GLY B 278 22.43 -41.64 7.80
CA GLY B 278 21.47 -41.89 6.73
C GLY B 278 20.09 -41.28 6.99
N CYS B 279 20.03 -40.17 7.76
CA CYS B 279 18.74 -39.55 8.08
C CYS B 279 18.07 -38.98 6.85
N GLN B 280 16.79 -39.31 6.68
CA GLN B 280 16.00 -38.72 5.61
C GLN B 280 15.37 -37.45 6.16
N ILE B 281 15.52 -36.37 5.42
CA ILE B 281 15.04 -35.08 5.89
C ILE B 281 13.86 -34.59 5.06
N ALA B 282 12.81 -34.18 5.76
CA ALA B 282 11.60 -33.70 5.11
C ALA B 282 11.04 -32.50 5.86
N THR B 283 10.26 -31.68 5.17
CA THR B 283 9.69 -30.48 5.78
C THR B 283 8.17 -30.55 5.83
N ASN B 284 7.57 -29.62 6.58
CA ASN B 284 6.12 -29.53 6.69
C ASN B 284 5.49 -30.83 7.18
N PRO B 285 5.74 -31.21 8.43
CA PRO B 285 6.65 -30.66 9.42
C PRO B 285 8.10 -31.05 9.17
N VAL B 286 9.03 -30.33 9.81
CA VAL B 286 10.43 -30.70 9.72
C VAL B 286 10.70 -31.94 10.55
N ARG B 287 11.31 -32.94 9.93
CA ARG B 287 11.56 -34.20 10.62
C ARG B 287 12.75 -34.96 10.05
N ALA B 288 13.36 -35.79 10.90
CA ALA B 288 14.39 -36.73 10.48
C ALA B 288 13.85 -38.14 10.55
N VAL B 289 14.01 -38.90 9.48
CA VAL B 289 13.38 -40.22 9.39
C VAL B 289 14.34 -41.38 9.10
N ASN B 290 14.14 -42.47 9.84
CA ASN B 290 14.79 -43.77 9.62
C ASN B 290 16.32 -43.78 9.57
N CYS B 291 16.99 -43.12 10.52
CA CYS B 291 18.45 -43.20 10.63
C CYS B 291 18.94 -44.01 11.82
N ALA B 292 20.14 -44.57 11.68
CA ALA B 292 20.70 -45.50 12.64
C ALA B 292 21.34 -44.79 13.81
N VAL B 293 20.51 -44.19 14.66
CA VAL B 293 21.01 -43.46 15.81
C VAL B 293 20.77 -44.20 17.12
N GLY B 294 21.84 -44.72 17.71
CA GLY B 294 21.76 -45.46 18.97
C GLY B 294 20.87 -46.69 18.89
N ASN B 295 20.05 -46.89 19.92
CA ASN B 295 19.13 -48.02 19.97
C ASN B 295 17.85 -47.65 20.72
N MET B 296 16.87 -48.53 20.64
CA MET B 296 15.57 -48.30 21.28
C MET B 296 15.13 -49.49 22.13
N PRO B 297 15.28 -49.39 23.46
CA PRO B 297 14.79 -50.32 24.46
C PRO B 297 13.27 -50.44 24.41
N ILE B 298 12.77 -51.66 24.52
CA ILE B 298 11.33 -51.91 24.52
C ILE B 298 10.92 -52.82 25.67
N SER B 299 9.88 -52.42 26.39
CA SER B 299 9.34 -53.25 27.47
C SER B 299 7.88 -53.59 27.21
N ILE B 300 7.56 -54.87 27.24
CA ILE B 300 6.21 -55.32 26.89
C ILE B 300 5.51 -55.97 28.08
N ASP B 301 4.31 -55.49 28.38
CA ASP B 301 3.48 -56.11 29.40
C ASP B 301 2.63 -57.20 28.77
N ILE B 302 2.99 -58.45 29.06
CA ILE B 302 2.35 -59.61 28.46
C ILE B 302 1.41 -60.27 29.46
N PRO B 303 0.11 -60.36 29.15
CA PRO B 303 -0.95 -60.83 30.01
C PRO B 303 -0.79 -62.33 30.29
N GLU B 304 -1.33 -62.78 31.42
CA GLU B 304 -1.20 -64.17 31.82
C GLU B 304 -1.88 -65.12 30.83
N ALA B 305 -2.84 -64.60 30.08
CA ALA B 305 -3.57 -65.38 29.10
C ALA B 305 -2.67 -65.77 27.94
N ALA B 306 -1.55 -65.06 27.80
CA ALA B 306 -0.62 -65.28 26.71
C ALA B 306 0.37 -66.39 27.03
N PHE B 307 0.32 -66.91 28.25
CA PHE B 307 1.28 -67.92 28.67
C PHE B 307 0.64 -69.29 28.83
N THR B 308 1.33 -70.32 28.33
CA THR B 308 0.90 -71.70 28.46
C THR B 308 2.03 -72.57 28.97
N ARG B 309 1.70 -73.75 29.48
CA ARG B 309 2.70 -74.69 29.98
C ARG B 309 3.18 -75.60 28.86
N VAL B 310 4.34 -76.23 29.05
CA VAL B 310 4.87 -77.14 28.05
C VAL B 310 3.94 -78.32 27.84
N VAL B 311 3.33 -78.77 28.92
CA VAL B 311 2.41 -79.91 28.90
C VAL B 311 1.11 -79.58 28.16
N ASP B 312 0.86 -78.30 27.91
CA ASP B 312 -0.36 -77.88 27.23
C ASP B 312 -0.19 -77.93 25.72
N ALA B 313 1.06 -78.10 25.27
CA ALA B 313 1.36 -78.17 23.84
C ALA B 313 0.92 -79.52 23.29
N PRO B 314 0.52 -79.58 22.02
CA PRO B 314 0.24 -80.78 21.26
C PRO B 314 1.51 -81.56 21.01
N SER B 315 1.41 -82.89 21.02
CA SER B 315 2.57 -83.74 20.77
C SER B 315 2.86 -83.88 19.29
N LEU B 316 4.14 -83.83 18.93
CA LEU B 316 4.57 -84.07 17.56
C LEU B 316 5.39 -85.35 17.48
N THR B 317 5.26 -86.08 16.37
CA THR B 317 6.02 -87.31 16.18
C THR B 317 6.63 -87.41 14.80
N ASP B 318 7.47 -88.42 14.61
CA ASP B 318 8.09 -88.72 13.32
C ASP B 318 8.76 -87.49 12.72
N MET B 319 9.48 -86.74 13.55
CA MET B 319 10.13 -85.53 13.09
C MET B 319 11.57 -85.77 12.65
N SER B 320 11.98 -85.07 11.59
CA SER B 320 13.34 -85.14 11.09
C SER B 320 13.69 -83.87 10.31
N CYS B 321 14.99 -83.64 10.07
CA CYS B 321 15.45 -82.47 9.34
C CYS B 321 16.54 -82.84 8.32
N GLU B 322 16.44 -82.25 7.14
CA GLU B 322 17.42 -82.46 6.09
C GLU B 322 17.71 -81.16 5.33
N VAL B 323 18.89 -81.09 4.74
CA VAL B 323 19.28 -79.94 3.92
C VAL B 323 19.77 -80.39 2.55
N PRO B 324 18.89 -80.43 1.55
CA PRO B 324 19.14 -80.84 0.17
C PRO B 324 20.29 -80.06 -0.45
N ALA B 325 20.44 -78.80 -0.06
CA ALA B 325 21.53 -77.98 -0.57
C ALA B 325 21.86 -76.84 0.37
N CYS B 326 23.12 -76.38 0.35
CA CYS B 326 23.56 -75.21 1.08
C CYS B 326 24.70 -74.52 0.34
N THR B 327 24.63 -73.19 0.26
CA THR B 327 25.65 -72.43 -0.44
C THR B 327 26.15 -71.26 0.39
N HIS B 328 27.30 -70.71 0.03
CA HIS B 328 27.83 -69.54 0.70
C HIS B 328 27.55 -68.27 -0.10
N SER B 329 26.73 -67.40 0.46
CA SER B 329 26.36 -66.14 -0.17
C SER B 329 25.87 -65.14 0.87
N SER B 330 25.66 -63.90 0.46
CA SER B 330 25.16 -62.86 1.36
C SER B 330 23.69 -63.09 1.70
N ASP B 331 23.00 -63.86 0.87
CA ASP B 331 21.59 -64.16 1.08
C ASP B 331 21.42 -65.49 1.81
N PHE B 332 20.17 -65.85 2.07
CA PHE B 332 19.86 -67.10 2.75
C PHE B 332 19.74 -68.24 1.74
N GLY B 333 20.88 -68.64 1.19
CA GLY B 333 20.92 -69.63 0.12
C GLY B 333 20.72 -71.07 0.61
N GLY B 334 20.85 -71.30 1.91
CA GLY B 334 20.67 -72.63 2.46
C GLY B 334 19.19 -72.95 2.61
N VAL B 335 18.82 -74.22 2.44
CA VAL B 335 17.44 -74.63 2.63
C VAL B 335 17.31 -75.81 3.59
N ALA B 336 16.72 -75.56 4.76
CA ALA B 336 16.52 -76.63 5.74
C ALA B 336 15.05 -76.98 5.84
N ILE B 337 14.74 -78.26 5.67
CA ILE B 337 13.36 -78.71 5.73
C ILE B 337 13.12 -79.62 6.92
N ILE B 338 12.13 -79.27 7.74
CA ILE B 338 11.80 -80.07 8.90
C ILE B 338 10.46 -80.77 8.71
N LYS B 339 10.49 -82.10 8.76
CA LYS B 339 9.30 -82.92 8.61
C LYS B 339 8.64 -83.14 9.96
N TYR B 340 7.31 -83.22 9.97
CA TYR B 340 6.59 -83.51 11.21
C TYR B 340 5.27 -84.24 10.94
N ALA B 341 4.77 -84.90 11.97
CA ALA B 341 3.44 -85.49 11.92
C ALA B 341 2.67 -85.18 13.21
N ALA B 342 1.37 -84.97 13.08
CA ALA B 342 0.53 -84.70 14.24
C ALA B 342 -0.83 -85.37 14.09
N SER B 343 -1.36 -85.89 15.21
CA SER B 343 -2.68 -86.50 15.21
C SER B 343 -3.77 -85.48 15.45
N LYS B 344 -3.39 -84.31 15.95
CA LYS B 344 -4.35 -83.24 16.23
C LYS B 344 -3.84 -81.91 15.69
N LYS B 345 -4.76 -81.08 15.24
CA LYS B 345 -4.44 -79.75 14.74
C LYS B 345 -4.13 -78.78 15.88
N GLY B 346 -3.12 -77.95 15.70
CA GLY B 346 -2.76 -76.95 16.70
C GLY B 346 -1.55 -76.13 16.25
N LYS B 347 -1.05 -75.29 17.15
CA LYS B 347 0.10 -74.45 16.84
C LYS B 347 1.22 -74.69 17.86
N CYS B 348 2.47 -74.54 17.41
CA CYS B 348 3.66 -74.77 18.21
C CYS B 348 4.67 -73.64 18.07
N ALA B 349 5.29 -73.24 19.18
CA ALA B 349 6.36 -72.25 19.16
C ALA B 349 7.65 -72.87 18.63
N VAL B 350 8.46 -72.07 17.93
CA VAL B 350 9.74 -72.54 17.41
C VAL B 350 10.89 -71.61 17.79
N HIS B 351 11.99 -72.19 18.30
CA HIS B 351 13.15 -71.38 18.64
C HIS B 351 14.45 -72.16 18.47
N SER B 352 15.46 -71.49 17.91
CA SER B 352 16.78 -72.10 17.75
C SER B 352 17.49 -72.27 19.09
N MET B 353 18.23 -73.36 19.23
CA MET B 353 18.98 -73.62 20.45
C MET B 353 20.41 -73.10 20.36
N THR B 354 20.71 -72.44 19.24
CA THR B 354 22.03 -71.86 19.03
C THR B 354 21.90 -70.46 18.43
N ASN B 355 22.94 -69.64 18.61
CA ASN B 355 22.94 -68.30 18.04
C ASN B 355 23.61 -68.29 16.66
N ALA B 356 24.10 -69.45 16.24
CA ALA B 356 24.75 -69.57 14.94
C ALA B 356 23.73 -69.50 13.81
N VAL B 357 22.57 -70.11 14.03
CA VAL B 357 21.50 -70.13 13.03
C VAL B 357 20.18 -69.71 13.63
N THR B 358 19.53 -68.74 13.00
CA THR B 358 18.23 -68.27 13.47
C THR B 358 17.10 -68.83 12.60
N ILE B 359 15.89 -68.80 13.15
CA ILE B 359 14.71 -69.28 12.43
C ILE B 359 13.78 -68.13 12.11
N ARG B 360 13.37 -68.03 10.85
CA ARG B 360 12.53 -66.92 10.39
C ARG B 360 11.11 -67.00 10.94
N GLU B 361 10.69 -68.20 11.33
CA GLU B 361 9.34 -68.43 11.85
C GLU B 361 9.34 -68.51 13.37
N ALA B 362 8.63 -67.59 14.02
CA ALA B 362 8.53 -67.58 15.48
C ALA B 362 7.67 -68.76 15.95
N GLU B 363 6.69 -69.13 15.14
CA GLU B 363 5.80 -70.24 15.45
C GLU B 363 5.32 -70.91 14.18
N ILE B 364 4.88 -72.15 14.29
CA ILE B 364 4.35 -72.86 13.14
C ILE B 364 2.98 -73.47 13.42
N GLU B 365 2.23 -73.72 12.36
CA GLU B 365 0.97 -74.43 12.45
C GLU B 365 1.16 -75.89 12.08
N VAL B 366 0.72 -76.79 12.95
CA VAL B 366 0.94 -78.22 12.73
C VAL B 366 -0.36 -78.98 12.52
N GLU B 367 -0.44 -79.71 11.41
CA GLU B 367 -1.59 -80.55 11.12
C GLU B 367 -1.21 -81.73 10.22
N GLY B 368 -1.71 -82.92 10.56
CA GLY B 368 -1.54 -84.09 9.72
C GLY B 368 -0.08 -84.44 9.47
N ASN B 369 0.28 -84.61 8.20
CA ASN B 369 1.63 -84.96 7.81
C ASN B 369 2.17 -83.96 6.78
N SER B 370 3.18 -83.20 7.17
CA SER B 370 3.71 -82.16 6.29
C SER B 370 5.13 -81.77 6.64
N GLN B 371 5.69 -80.85 5.86
CA GLN B 371 7.05 -80.38 6.09
C GLN B 371 7.12 -78.86 5.91
N LEU B 372 8.00 -78.22 6.69
CA LEU B 372 8.18 -76.78 6.59
C LEU B 372 9.59 -76.42 6.16
N GLN B 373 9.71 -75.40 5.32
CA GLN B 373 11.01 -75.01 4.77
C GLN B 373 11.52 -73.69 5.34
N ILE B 374 12.70 -73.75 5.95
CA ILE B 374 13.34 -72.57 6.53
C ILE B 374 14.68 -72.29 5.84
N SER B 375 14.85 -71.06 5.35
CA SER B 375 16.11 -70.69 4.73
C SER B 375 17.16 -70.34 5.78
N PHE B 376 18.43 -70.45 5.42
CA PHE B 376 19.50 -70.09 6.34
C PHE B 376 20.80 -69.71 5.63
N SER B 377 21.73 -69.10 6.36
CA SER B 377 23.04 -68.77 5.82
C SER B 377 24.13 -69.10 6.83
N THR B 378 25.35 -69.32 6.32
CA THR B 378 26.48 -69.64 7.17
C THR B 378 27.81 -69.27 6.54
N ALA B 379 28.81 -69.02 7.37
CA ALA B 379 30.17 -68.77 6.91
C ALA B 379 31.03 -70.02 7.01
N LEU B 380 30.44 -71.09 7.51
CA LEU B 380 31.18 -72.34 7.74
C LEU B 380 30.71 -73.44 6.79
N ALA B 381 31.67 -74.14 6.18
CA ALA B 381 31.34 -75.21 5.24
C ALA B 381 30.56 -76.31 5.93
N SER B 382 30.91 -76.58 7.19
CA SER B 382 30.17 -77.56 7.98
C SER B 382 29.17 -76.85 8.87
N ALA B 383 27.88 -77.02 8.57
CA ALA B 383 26.84 -76.31 9.30
C ALA B 383 26.02 -77.28 10.14
N GLU B 384 25.97 -77.02 11.44
CA GLU B 384 25.15 -77.81 12.35
C GLU B 384 24.40 -76.91 13.31
N PHE B 385 23.11 -77.19 13.50
CA PHE B 385 22.31 -76.43 14.45
C PHE B 385 21.12 -77.26 14.92
N ARG B 386 20.53 -76.86 16.04
CA ARG B 386 19.35 -77.54 16.54
C ARG B 386 18.21 -76.56 16.76
N VAL B 387 17.00 -76.99 16.42
CA VAL B 387 15.81 -76.17 16.59
C VAL B 387 14.79 -76.85 17.47
N GLN B 388 14.29 -76.14 18.47
CA GLN B 388 13.25 -76.69 19.31
C GLN B 388 11.89 -76.38 18.73
N VAL B 389 11.10 -77.41 18.51
CA VAL B 389 9.78 -77.25 17.94
C VAL B 389 8.71 -77.83 18.87
N CYS B 390 7.83 -76.96 19.37
CA CYS B 390 6.73 -77.36 20.24
C CYS B 390 7.28 -77.90 21.58
N SER B 391 7.16 -79.21 21.81
CA SER B 391 7.65 -79.82 23.03
C SER B 391 8.87 -80.71 22.78
N THR B 392 9.36 -80.74 21.54
CA THR B 392 10.49 -81.59 21.19
C THR B 392 11.55 -80.85 20.39
N GLN B 393 12.67 -81.53 20.11
CA GLN B 393 13.76 -80.89 19.36
C GLN B 393 14.19 -81.71 18.16
N VAL B 394 14.57 -81.01 17.08
CA VAL B 394 15.08 -81.65 15.87
C VAL B 394 16.43 -81.05 15.48
N HIS B 395 17.42 -81.92 15.23
CA HIS B 395 18.75 -81.48 14.83
C HIS B 395 18.87 -81.41 13.31
N CYS B 396 19.53 -80.35 12.80
CA CYS B 396 19.76 -80.14 11.37
C CYS B 396 21.26 -80.04 11.07
N ALA B 397 21.67 -80.50 9.90
CA ALA B 397 23.07 -80.37 9.47
C ALA B 397 23.16 -80.24 7.97
N ALA B 398 24.22 -79.58 7.49
CA ALA B 398 24.39 -79.36 6.06
C ALA B 398 25.85 -79.28 5.63
N GLU B 399 26.10 -79.65 4.38
CA GLU B 399 27.38 -79.43 3.73
C GLU B 399 27.26 -78.27 2.74
N CYS B 400 27.92 -77.16 3.02
CA CYS B 400 27.78 -75.92 2.25
C CYS B 400 28.94 -75.74 1.28
N HIS B 401 28.65 -75.17 0.11
CA HIS B 401 29.68 -74.94 -0.90
C HIS B 401 29.63 -73.49 -1.45
N PRO B 402 30.77 -72.93 -1.93
CA PRO B 402 30.88 -71.65 -2.64
C PRO B 402 29.84 -71.52 -3.76
N GLU C 26 -12.69 10.15 7.70
CA GLU C 26 -12.19 10.25 9.07
C GLU C 26 -11.20 11.40 9.25
N VAL C 27 -10.75 12.02 8.15
CA VAL C 27 -9.79 13.12 8.20
C VAL C 27 -10.47 14.43 8.51
N GLN C 28 -10.06 15.05 9.61
CA GLN C 28 -10.66 16.30 10.04
C GLN C 28 -9.74 17.11 10.93
N LEU C 29 -10.01 18.42 11.01
CA LEU C 29 -9.34 19.30 11.94
C LEU C 29 -10.35 19.96 12.86
N VAL C 30 -10.01 20.07 14.14
CA VAL C 30 -10.92 20.65 15.11
C VAL C 30 -10.29 21.83 15.86
N GLU C 31 -10.78 23.03 15.57
CA GLU C 31 -10.32 24.24 16.24
C GLU C 31 -10.90 24.36 17.64
N SER C 32 -10.10 24.91 18.54
CA SER C 32 -10.55 25.20 19.89
C SER C 32 -9.98 26.53 20.36
N GLY C 33 -10.42 26.97 21.53
CA GLY C 33 -10.03 28.28 22.03
C GLY C 33 -10.87 29.36 21.39
N GLY C 34 -10.40 30.60 21.45
CA GLY C 34 -11.16 31.73 20.94
C GLY C 34 -12.00 32.36 22.05
N GLY C 35 -12.93 33.23 21.67
CA GLY C 35 -13.71 33.95 22.65
C GLY C 35 -13.40 35.45 22.63
N LEU C 36 -13.88 36.16 23.64
CA LEU C 36 -13.78 37.61 23.70
C LEU C 36 -12.64 38.09 24.61
N VAL C 37 -11.81 38.98 24.08
CA VAL C 37 -10.78 39.64 24.86
C VAL C 37 -10.75 41.14 24.60
N GLN C 38 -10.21 41.89 25.53
CA GLN C 38 -9.98 43.31 25.33
C GLN C 38 -8.70 43.50 24.51
N PRO C 39 -8.57 44.62 23.78
CA PRO C 39 -7.38 45.01 23.06
C PRO C 39 -6.17 45.04 23.98
N GLY C 40 -5.06 44.50 23.50
CA GLY C 40 -3.82 44.49 24.25
C GLY C 40 -3.63 43.17 25.01
N ARG C 41 -4.68 42.37 25.09
CA ARG C 41 -4.62 41.10 25.79
C ARG C 41 -4.23 39.98 24.84
N SER C 42 -3.75 38.87 25.38
CA SER C 42 -3.37 37.73 24.57
C SER C 42 -4.45 36.65 24.55
N LEU C 43 -4.45 35.86 23.48
CA LEU C 43 -5.34 34.72 23.36
C LEU C 43 -4.63 33.57 22.66
N ARG C 44 -4.83 32.35 23.15
CA ARG C 44 -4.19 31.19 22.56
C ARG C 44 -5.20 30.27 21.88
N LEU C 45 -4.96 29.98 20.61
CA LEU C 45 -5.79 29.06 19.85
C LEU C 45 -5.11 27.72 19.68
N SER C 46 -5.91 26.68 19.50
CA SER C 46 -5.36 25.36 19.25
C SER C 46 -6.21 24.62 18.21
N CYS C 47 -5.60 23.64 17.55
CA CYS C 47 -6.28 22.80 16.57
C CYS C 47 -5.86 21.35 16.71
N ALA C 48 -6.85 20.48 16.88
CA ALA C 48 -6.59 19.05 17.00
C ALA C 48 -6.70 18.39 15.64
N ALA C 49 -5.86 17.40 15.38
CA ALA C 49 -5.89 16.69 14.11
C ALA C 49 -6.19 15.22 14.30
N SER C 50 -6.97 14.66 13.38
CA SER C 50 -7.25 13.23 13.40
C SER C 50 -7.50 12.67 12.01
N GLY C 51 -7.23 11.38 11.84
CA GLY C 51 -7.52 10.68 10.59
C GLY C 51 -6.34 10.68 9.62
N PHE C 52 -5.28 11.40 9.98
CA PHE C 52 -4.09 11.48 9.13
C PHE C 52 -2.85 11.69 9.98
N THR C 53 -1.68 11.44 9.40
CA THR C 53 -0.45 11.65 10.15
C THR C 53 -0.16 13.14 10.27
N PHE C 54 -0.07 13.62 11.50
CA PHE C 54 0.06 15.03 11.78
C PHE C 54 1.40 15.61 11.35
N ASP C 55 2.47 14.88 11.62
CA ASP C 55 3.81 15.42 11.41
C ASP C 55 4.32 15.18 9.99
N ASP C 56 3.46 14.69 9.12
CA ASP C 56 3.83 14.53 7.72
C ASP C 56 3.45 15.75 6.88
N TYR C 57 2.76 16.71 7.48
CA TYR C 57 2.29 17.85 6.71
C TYR C 57 2.53 19.19 7.39
N ALA C 58 2.77 20.20 6.56
CA ALA C 58 2.81 21.59 7.01
C ALA C 58 1.39 22.06 7.32
N MET C 59 1.25 23.01 8.23
CA MET C 59 -0.07 23.52 8.58
C MET C 59 -0.09 25.03 8.70
N HIS C 60 -1.28 25.60 8.47
CA HIS C 60 -1.44 27.04 8.44
C HIS C 60 -2.64 27.52 9.24
N TRP C 61 -2.57 28.75 9.71
CA TRP C 61 -3.73 29.44 10.26
C TRP C 61 -4.20 30.49 9.27
N VAL C 62 -5.50 30.46 8.99
CA VAL C 62 -6.14 31.40 8.08
C VAL C 62 -7.32 32.05 8.77
N ARG C 63 -7.46 33.36 8.66
CA ARG C 63 -8.56 34.02 9.35
C ARG C 63 -9.45 34.77 8.38
N GLN C 64 -10.74 34.75 8.66
CA GLN C 64 -11.71 35.44 7.84
C GLN C 64 -12.56 36.40 8.64
N ALA C 65 -12.33 37.68 8.49
CA ALA C 65 -13.15 38.68 9.17
C ALA C 65 -14.54 38.66 8.53
N PRO C 66 -15.59 38.99 9.28
CA PRO C 66 -16.95 39.08 8.80
C PRO C 66 -17.03 40.01 7.60
N GLY C 67 -17.63 39.51 6.51
CA GLY C 67 -17.81 40.31 5.30
C GLY C 67 -16.54 40.36 4.45
N LYS C 68 -15.50 39.66 4.87
CA LYS C 68 -14.22 39.71 4.19
C LYS C 68 -13.79 38.34 3.67
N GLY C 69 -12.80 38.34 2.79
CA GLY C 69 -12.27 37.10 2.22
C GLY C 69 -11.24 36.48 3.13
N LEU C 70 -10.59 35.41 2.67
CA LEU C 70 -9.62 34.68 3.48
C LEU C 70 -8.29 35.39 3.55
N GLU C 71 -7.73 35.49 4.75
CA GLU C 71 -6.39 36.04 4.93
C GLU C 71 -5.49 35.07 5.66
N TRP C 72 -4.33 34.79 5.08
CA TRP C 72 -3.36 33.90 5.71
C TRP C 72 -2.70 34.62 6.88
N VAL C 73 -2.59 33.94 8.02
CA VAL C 73 -2.04 34.57 9.21
C VAL C 73 -0.63 34.10 9.50
N SER C 74 -0.46 32.79 9.57
CA SER C 74 0.83 32.19 9.88
C SER C 74 0.86 30.75 9.43
N GLY C 75 2.05 30.16 9.40
CA GLY C 75 2.16 28.76 9.05
C GLY C 75 3.47 28.16 9.50
N ILE C 76 3.47 26.84 9.65
CA ILE C 76 4.61 26.11 10.15
C ILE C 76 4.84 24.83 9.36
N SER C 77 6.09 24.55 9.04
CA SER C 77 6.46 23.34 8.30
C SER C 77 6.50 22.13 9.22
N TRP C 78 6.60 20.94 8.60
CA TRP C 78 6.74 19.72 9.37
C TRP C 78 8.01 19.80 10.21
N ASN C 79 7.96 19.27 11.42
CA ASN C 79 9.13 19.26 12.31
C ASN C 79 9.56 20.67 12.69
N SER C 80 8.67 21.64 12.44
CA SER C 80 8.94 23.03 12.78
C SER C 80 10.24 23.51 12.17
N GLY C 81 10.58 22.99 10.99
CA GLY C 81 11.80 23.38 10.31
C GLY C 81 11.79 24.84 9.87
N SER C 82 10.61 25.34 9.49
CA SER C 82 10.47 26.71 9.03
C SER C 82 9.15 27.31 9.46
N ILE C 83 9.19 28.58 9.86
CA ILE C 83 8.00 29.30 10.27
C ILE C 83 7.85 30.62 9.55
N GLY C 84 6.64 30.93 9.11
CA GLY C 84 6.35 32.21 8.47
C GLY C 84 5.17 32.91 9.12
N TYR C 85 5.12 34.23 8.97
CA TYR C 85 4.01 35.03 9.49
C TYR C 85 3.60 36.07 8.48
N ALA C 86 2.33 36.48 8.53
CA ALA C 86 1.89 37.61 7.74
C ALA C 86 2.49 38.88 8.32
N ASP C 87 2.70 39.89 7.48
CA ASP C 87 3.35 41.12 7.92
C ASP C 87 2.56 41.84 9.01
N SER C 88 1.24 41.69 8.97
CA SER C 88 0.36 42.39 9.90
C SER C 88 0.42 41.80 11.31
N VAL C 89 0.92 40.58 11.45
CA VAL C 89 0.99 39.91 12.75
C VAL C 89 2.40 39.45 13.08
N LYS C 90 3.36 39.81 12.23
CA LYS C 90 4.69 39.21 12.29
C LYS C 90 5.37 39.40 13.64
N GLY C 91 5.18 40.55 14.26
CA GLY C 91 5.84 40.83 15.53
C GLY C 91 4.94 40.56 16.73
N ARG C 92 3.74 40.01 16.49
CA ARG C 92 2.79 39.82 17.56
C ARG C 92 2.37 38.37 17.76
N PHE C 93 2.33 37.61 16.69
CA PHE C 93 1.85 36.23 16.76
C PHE C 93 3.01 35.23 16.77
N THR C 94 2.84 34.14 17.50
CA THR C 94 3.79 33.04 17.48
C THR C 94 3.08 31.71 17.18
N ILE C 95 3.63 30.95 16.23
CA ILE C 95 3.04 29.67 15.87
C ILE C 95 3.94 28.51 16.25
N SER C 96 3.33 27.46 16.78
CA SER C 96 4.07 26.27 17.16
C SER C 96 3.20 25.03 17.02
N ARG C 97 3.81 23.86 17.03
CA ARG C 97 3.06 22.62 16.92
C ARG C 97 3.60 21.55 17.85
N ASP C 98 2.74 20.63 18.26
CA ASP C 98 3.14 19.49 19.07
C ASP C 98 2.81 18.20 18.34
N ASN C 99 3.84 17.52 17.88
CA ASN C 99 3.65 16.34 17.03
C ASN C 99 3.34 15.10 17.84
N ALA C 100 3.44 15.20 19.16
CA ALA C 100 3.09 14.08 20.03
C ALA C 100 1.62 14.13 20.38
N LYS C 101 1.08 15.35 20.44
CA LYS C 101 -0.32 15.57 20.79
C LYS C 101 -1.19 15.69 19.54
N ASN C 102 -0.56 15.64 18.37
CA ASN C 102 -1.28 15.82 17.12
C ASN C 102 -2.08 17.10 17.12
N SER C 103 -1.45 18.20 17.52
CA SER C 103 -2.15 19.48 17.60
C SER C 103 -1.29 20.67 17.18
N LEU C 104 -1.95 21.70 16.68
CA LEU C 104 -1.32 22.95 16.25
C LEU C 104 -1.74 24.08 17.17
N TYR C 105 -0.82 24.98 17.48
CA TYR C 105 -1.15 26.10 18.37
C TYR C 105 -0.79 27.46 17.78
N LEU C 106 -1.58 28.46 18.12
CA LEU C 106 -1.26 29.85 17.76
C LEU C 106 -1.38 30.76 18.97
N GLN C 107 -0.28 31.43 19.31
CA GLN C 107 -0.25 32.35 20.44
C GLN C 107 -0.32 33.78 19.95
N MET C 108 -1.42 34.45 20.22
CA MET C 108 -1.62 35.81 19.72
C MET C 108 -1.47 36.82 20.85
N ASN C 109 -0.46 37.68 20.75
CA ASN C 109 -0.21 38.66 21.79
C ASN C 109 -0.60 40.06 21.31
N SER C 110 -0.88 40.95 22.26
CA SER C 110 -1.20 42.34 21.93
C SER C 110 -2.28 42.42 20.86
N LEU C 111 -3.37 41.70 21.05
CA LEU C 111 -4.44 41.65 20.07
C LEU C 111 -5.09 43.01 19.85
N ARG C 112 -5.39 43.31 18.60
CA ARG C 112 -6.00 44.56 18.19
C ARG C 112 -7.42 44.32 17.68
N ALA C 113 -8.21 45.38 17.58
CA ALA C 113 -9.57 45.25 17.08
C ALA C 113 -9.58 44.67 15.68
N GLU C 114 -8.53 44.96 14.92
CA GLU C 114 -8.39 44.48 13.55
C GLU C 114 -8.19 42.97 13.48
N ASP C 115 -7.87 42.35 14.60
CA ASP C 115 -7.60 40.92 14.64
C ASP C 115 -8.88 40.11 14.81
N THR C 116 -10.03 40.78 14.91
CA THR C 116 -11.28 40.07 15.03
C THR C 116 -11.58 39.33 13.73
N ALA C 117 -11.77 38.03 13.85
CA ALA C 117 -11.98 37.20 12.66
C ALA C 117 -12.37 35.77 13.06
N LEU C 118 -12.82 35.01 12.08
CA LEU C 118 -13.02 33.58 12.27
C LEU C 118 -11.73 32.85 11.89
N TYR C 119 -11.12 32.17 12.86
CA TYR C 119 -9.81 31.56 12.65
C TYR C 119 -9.91 30.07 12.31
N TYR C 120 -9.40 29.73 11.14
CA TYR C 120 -9.36 28.35 10.66
C TYR C 120 -7.96 27.77 10.76
N CYS C 121 -7.86 26.48 11.06
CA CYS C 121 -6.62 25.74 10.88
C CYS C 121 -6.76 24.90 9.62
N ALA C 122 -5.66 24.73 8.89
CA ALA C 122 -5.72 23.97 7.66
C ALA C 122 -4.46 23.14 7.44
N LYS C 123 -4.65 21.98 6.83
CA LYS C 123 -3.58 21.06 6.53
C LYS C 123 -3.10 21.21 5.09
N ASP C 124 -1.79 21.32 4.91
CA ASP C 124 -1.23 21.44 3.57
C ASP C 124 -1.10 20.06 2.94
N MET C 125 -0.63 20.00 1.70
CA MET C 125 -0.49 18.72 1.01
C MET C 125 0.97 18.31 0.87
N GLY C 126 1.86 19.07 1.51
CA GLY C 126 3.28 18.76 1.52
C GLY C 126 3.83 18.90 2.92
N TYR C 127 5.12 18.64 3.09
CA TYR C 127 5.72 18.76 4.41
C TYR C 127 6.52 20.05 4.50
N SER C 128 7.00 20.52 3.36
CA SER C 128 7.69 21.80 3.30
C SER C 128 6.70 22.86 2.84
N GLY C 129 6.92 24.09 3.27
CA GLY C 129 6.05 25.18 2.86
C GLY C 129 6.53 25.79 1.56
N ASN C 130 7.61 25.26 1.01
CA ASN C 130 8.23 25.85 -0.16
C ASN C 130 7.75 25.22 -1.46
N ASP C 131 6.78 24.33 -1.39
CA ASP C 131 6.21 23.70 -2.57
C ASP C 131 4.98 24.46 -3.06
N ASP C 132 5.08 25.06 -4.25
CA ASP C 132 4.02 25.92 -4.77
C ASP C 132 3.00 25.18 -5.62
N TYR C 133 3.12 23.86 -5.68
CA TYR C 133 2.20 23.04 -6.46
C TYR C 133 0.95 22.71 -5.66
N TYR C 134 1.04 22.80 -4.35
CA TYR C 134 -0.01 22.34 -3.46
C TYR C 134 -0.87 23.45 -2.89
N GLY C 135 -2.11 23.10 -2.56
CA GLY C 135 -3.00 23.95 -1.76
C GLY C 135 -3.32 23.23 -0.47
N MET C 136 -4.29 23.76 0.29
CA MET C 136 -4.67 23.13 1.55
C MET C 136 -5.95 22.34 1.39
N ASP C 137 -5.85 21.02 1.49
CA ASP C 137 -6.98 20.14 1.20
C ASP C 137 -7.95 20.00 2.37
N VAL C 138 -7.46 20.14 3.60
CA VAL C 138 -8.33 19.95 4.74
C VAL C 138 -8.43 21.20 5.61
N TRP C 139 -9.66 21.65 5.82
CA TRP C 139 -9.92 22.81 6.66
C TRP C 139 -10.81 22.40 7.82
N GLY C 140 -10.60 23.01 8.97
CA GLY C 140 -11.42 22.72 10.14
C GLY C 140 -12.60 23.67 10.23
N GLN C 141 -13.23 23.70 11.40
CA GLN C 141 -14.36 24.58 11.66
C GLN C 141 -13.87 25.70 12.55
N GLY C 142 -13.69 26.87 11.95
CA GLY C 142 -12.96 27.93 12.61
C GLY C 142 -13.63 28.41 13.88
N THR C 143 -12.82 28.95 14.79
CA THR C 143 -13.31 29.51 16.04
C THR C 143 -13.25 31.02 16.01
N THR C 144 -14.30 31.66 16.50
CA THR C 144 -14.38 33.12 16.45
C THR C 144 -13.54 33.77 17.53
N VAL C 145 -12.74 34.75 17.13
CA VAL C 145 -11.97 35.56 18.06
C VAL C 145 -12.42 37.00 17.97
N THR C 146 -12.87 37.55 19.09
CA THR C 146 -13.37 38.92 19.10
C THR C 146 -12.53 39.80 20.01
N VAL C 147 -12.07 40.92 19.47
CA VAL C 147 -11.28 41.86 20.24
C VAL C 147 -11.98 43.21 20.30
N SER C 148 -12.41 43.61 21.50
CA SER C 148 -13.13 44.87 21.64
C SER C 148 -13.18 45.37 23.08
N SER C 149 -13.11 46.69 23.24
CA SER C 149 -13.23 47.31 24.55
C SER C 149 -14.69 47.53 24.90
N ALA C 150 -15.42 46.44 25.11
CA ALA C 150 -16.85 46.53 25.40
C ALA C 150 -17.31 45.41 26.31
N SER C 151 -18.33 45.70 27.11
CA SER C 151 -18.94 44.71 27.98
C SER C 151 -20.03 43.94 27.25
N THR C 152 -20.46 42.84 27.83
CA THR C 152 -21.50 42.01 27.21
C THR C 152 -22.89 42.59 27.46
N LYS C 153 -23.12 43.79 26.94
CA LYS C 153 -24.38 44.50 27.08
C LYS C 153 -25.49 43.82 26.30
N GLY C 154 -26.67 43.71 26.92
CA GLY C 154 -27.83 43.12 26.24
C GLY C 154 -28.52 44.17 25.37
N PRO C 155 -29.30 43.71 24.38
CA PRO C 155 -30.04 44.48 23.40
C PRO C 155 -31.22 45.22 23.96
N SER C 156 -31.55 46.34 23.34
CA SER C 156 -32.81 47.04 23.56
C SER C 156 -33.66 46.88 22.32
N VAL C 157 -34.94 46.63 22.49
CA VAL C 157 -35.80 46.43 21.34
C VAL C 157 -36.71 47.64 21.12
N PHE C 158 -36.60 48.22 19.93
CA PHE C 158 -37.38 49.40 19.57
C PHE C 158 -38.28 49.09 18.37
N PRO C 159 -39.55 48.77 18.62
CA PRO C 159 -40.49 48.21 17.66
C PRO C 159 -40.77 49.19 16.54
N LEU C 160 -40.87 48.69 15.33
CA LEU C 160 -41.13 49.53 14.17
C LEU C 160 -42.54 49.28 13.64
N ALA C 161 -43.46 50.17 13.98
CA ALA C 161 -44.85 50.02 13.54
C ALA C 161 -44.95 50.28 12.05
N PRO C 162 -45.84 49.56 11.35
CA PRO C 162 -46.13 49.69 9.94
C PRO C 162 -46.85 50.99 9.64
N SER C 163 -46.55 51.58 8.49
CA SER C 163 -47.24 52.80 8.06
C SER C 163 -48.54 52.44 7.36
N SER C 164 -49.46 51.84 8.11
CA SER C 164 -50.69 51.30 7.57
C SER C 164 -51.58 52.39 6.99
N LYS C 165 -51.32 53.63 7.38
CA LYS C 165 -52.09 54.76 6.89
C LYS C 165 -51.79 55.10 5.44
N SER C 166 -50.60 54.72 4.96
CA SER C 166 -50.22 55.06 3.60
C SER C 166 -49.82 53.84 2.75
N THR C 167 -49.57 52.71 3.40
CA THR C 167 -49.10 51.52 2.69
C THR C 167 -50.15 50.42 2.65
N SER C 168 -51.39 50.75 2.99
CA SER C 168 -52.44 49.74 3.11
C SER C 168 -52.68 48.99 1.81
N GLY C 169 -52.46 49.63 0.68
CA GLY C 169 -52.66 48.99 -0.61
C GLY C 169 -51.37 48.41 -1.18
N GLY C 170 -50.27 48.56 -0.43
CA GLY C 170 -48.96 48.10 -0.87
C GLY C 170 -48.48 46.92 -0.04
N THR C 171 -49.37 46.38 0.79
CA THR C 171 -49.03 45.32 1.74
C THR C 171 -48.24 45.94 2.90
N ALA C 172 -48.48 45.45 4.11
CA ALA C 172 -47.89 46.08 5.29
C ALA C 172 -46.54 45.48 5.63
N ALA C 173 -45.59 46.35 5.96
CA ALA C 173 -44.31 45.89 6.47
C ALA C 173 -44.11 46.41 7.89
N LEU C 174 -43.89 45.48 8.80
CA LEU C 174 -43.66 45.80 10.20
C LEU C 174 -42.39 45.13 10.67
N GLY C 175 -41.79 45.66 11.72
CA GLY C 175 -40.55 45.04 12.21
C GLY C 175 -40.16 45.54 13.58
N CYS C 176 -38.94 45.16 14.00
CA CYS C 176 -38.38 45.56 15.28
C CYS C 176 -36.88 45.82 15.13
N LEU C 177 -36.40 46.85 15.81
CA LEU C 177 -34.98 47.18 15.79
C LEU C 177 -34.29 46.69 17.06
N VAL C 178 -33.28 45.85 16.91
CA VAL C 178 -32.54 45.32 18.04
C VAL C 178 -31.19 46.01 18.13
N LYS C 179 -31.04 46.88 19.13
CA LYS C 179 -29.93 47.82 19.14
C LYS C 179 -29.08 47.77 20.41
N ASP C 180 -27.83 48.20 20.28
CA ASP C 180 -26.89 48.37 21.39
C ASP C 180 -26.60 47.11 22.19
N TYR C 181 -26.29 46.01 21.50
CA TYR C 181 -25.84 44.81 22.20
C TYR C 181 -24.44 44.46 21.75
N PHE C 182 -23.61 43.90 22.62
CA PHE C 182 -22.25 43.64 22.21
C PHE C 182 -21.99 42.27 21.55
N PRO C 183 -22.41 41.16 22.15
CA PRO C 183 -22.15 39.80 21.68
C PRO C 183 -22.83 39.59 20.34
N GLU C 184 -22.22 38.79 19.47
CA GLU C 184 -22.75 38.57 18.13
C GLU C 184 -24.10 37.82 18.05
N PRO C 185 -24.26 36.68 18.72
CA PRO C 185 -25.26 35.65 18.45
C PRO C 185 -26.64 35.98 19.00
N VAL C 186 -27.27 37.01 18.45
CA VAL C 186 -28.65 37.34 18.79
C VAL C 186 -29.63 36.63 17.86
N THR C 187 -30.60 35.93 18.45
CA THR C 187 -31.60 35.23 17.66
C THR C 187 -32.95 35.95 17.71
N VAL C 188 -33.52 36.21 16.54
CA VAL C 188 -34.80 36.90 16.47
C VAL C 188 -35.82 36.08 15.68
N SER C 189 -37.02 35.95 16.24
CA SER C 189 -38.11 35.24 15.58
C SER C 189 -39.43 35.94 15.84
N TRP C 190 -40.44 35.63 15.02
CA TRP C 190 -41.74 36.27 15.18
C TRP C 190 -42.80 35.30 15.69
N ASN C 191 -43.63 35.80 16.60
CA ASN C 191 -44.73 35.02 17.14
C ASN C 191 -44.22 33.67 17.66
N SER C 192 -43.11 33.71 18.36
CA SER C 192 -42.49 32.52 18.94
C SER C 192 -42.21 31.44 17.91
N GLY C 193 -41.85 31.85 16.69
CA GLY C 193 -41.48 30.91 15.64
C GLY C 193 -42.68 30.52 14.77
N ALA C 194 -43.87 30.95 15.18
CA ALA C 194 -45.08 30.64 14.43
C ALA C 194 -45.09 31.35 13.08
N LEU C 195 -44.49 32.53 13.03
CA LEU C 195 -44.49 33.32 11.81
C LEU C 195 -43.10 33.33 11.16
N THR C 196 -42.95 32.55 10.10
CA THR C 196 -41.67 32.47 9.40
C THR C 196 -41.79 32.98 7.98
N SER C 197 -43.01 33.00 7.46
CA SER C 197 -43.23 33.40 6.08
C SER C 197 -43.17 34.92 5.94
N GLY C 198 -42.36 35.39 5.00
CA GLY C 198 -42.24 36.81 4.75
C GLY C 198 -41.28 37.49 5.73
N VAL C 199 -40.58 36.68 6.53
CA VAL C 199 -39.68 37.22 7.53
C VAL C 199 -38.26 37.41 6.99
N HIS C 200 -37.73 38.61 7.20
CA HIS C 200 -36.38 38.94 6.76
C HIS C 200 -35.53 39.42 7.94
N THR C 201 -34.58 38.60 8.35
CA THR C 201 -33.70 38.98 9.44
C THR C 201 -32.36 39.43 8.89
N PHE C 202 -31.95 40.64 9.23
CA PHE C 202 -30.74 41.21 8.67
C PHE C 202 -29.52 40.84 9.51
N PRO C 203 -28.35 40.73 8.87
CA PRO C 203 -27.04 40.65 9.49
C PRO C 203 -26.80 41.86 10.38
N ALA C 204 -26.19 41.63 11.52
CA ALA C 204 -25.88 42.71 12.45
C ALA C 204 -24.74 43.55 11.91
N VAL C 205 -24.80 44.84 12.17
CA VAL C 205 -23.73 45.74 11.76
C VAL C 205 -23.11 46.40 12.98
N LEU C 206 -21.79 46.39 13.04
CA LEU C 206 -21.08 46.99 14.17
C LEU C 206 -21.16 48.50 14.11
N GLN C 207 -21.56 49.10 15.23
CA GLN C 207 -21.66 50.55 15.36
C GLN C 207 -20.31 51.14 15.78
N SER C 208 -20.17 52.45 15.61
CA SER C 208 -18.95 53.13 16.02
C SER C 208 -18.76 53.07 17.54
N SER C 209 -19.85 52.77 18.24
CA SER C 209 -19.84 52.64 19.70
C SER C 209 -19.22 51.33 20.15
N GLY C 210 -19.03 50.41 19.21
CA GLY C 210 -18.50 49.08 19.51
C GLY C 210 -19.60 48.05 19.70
N LEU C 211 -20.85 48.51 19.68
CA LEU C 211 -21.99 47.62 19.86
C LEU C 211 -22.66 47.30 18.51
N TYR C 212 -23.30 46.14 18.43
CA TYR C 212 -23.99 45.71 17.22
C TYR C 212 -25.44 46.18 17.17
N SER C 213 -25.95 46.34 15.96
CA SER C 213 -27.37 46.61 15.75
C SER C 213 -27.91 45.86 14.52
N LEU C 214 -29.05 45.21 14.68
CA LEU C 214 -29.70 44.49 13.57
C LEU C 214 -31.19 44.77 13.55
N SER C 215 -31.79 44.71 12.38
CA SER C 215 -33.23 44.85 12.27
C SER C 215 -33.87 43.56 11.78
N SER C 216 -35.12 43.36 12.15
CA SER C 216 -35.90 42.21 11.68
C SER C 216 -37.28 42.68 11.25
N VAL C 217 -37.66 42.34 10.03
CA VAL C 217 -38.94 42.79 9.51
C VAL C 217 -39.74 41.64 8.90
N VAL C 218 -41.05 41.79 8.89
CA VAL C 218 -41.91 40.83 8.23
C VAL C 218 -42.98 41.52 7.39
N THR C 219 -43.23 40.99 6.20
CA THR C 219 -44.25 41.55 5.32
C THR C 219 -45.54 40.75 5.43
N VAL C 220 -46.63 41.43 5.76
CA VAL C 220 -47.92 40.79 5.96
C VAL C 220 -49.02 41.58 5.25
N PRO C 221 -50.17 40.95 4.97
CA PRO C 221 -51.38 41.58 4.48
C PRO C 221 -51.79 42.71 5.42
N SER C 222 -52.12 43.86 4.86
CA SER C 222 -52.48 45.02 5.67
C SER C 222 -53.79 44.82 6.41
N SER C 223 -54.65 43.97 5.87
CA SER C 223 -55.94 43.70 6.48
C SER C 223 -55.81 42.90 7.76
N SER C 224 -54.66 42.27 7.96
CA SER C 224 -54.44 41.44 9.15
C SER C 224 -54.04 42.27 10.36
N LEU C 225 -53.65 43.52 10.14
CA LEU C 225 -53.10 44.32 11.22
C LEU C 225 -54.12 44.60 12.32
N GLY C 226 -55.39 44.71 11.95
CA GLY C 226 -56.44 45.04 12.90
C GLY C 226 -56.90 43.85 13.73
N THR C 227 -56.50 42.63 13.33
CA THR C 227 -56.95 41.44 14.04
C THR C 227 -55.80 40.60 14.59
N GLN C 228 -54.64 40.72 13.97
CA GLN C 228 -53.48 39.90 14.35
C GLN C 228 -52.44 40.70 15.10
N THR C 229 -52.07 40.23 16.29
CA THR C 229 -51.00 40.85 17.04
C THR C 229 -49.67 40.24 16.65
N TYR C 230 -48.68 41.09 16.36
CA TYR C 230 -47.37 40.61 15.96
C TYR C 230 -46.34 40.88 17.05
N ILE C 231 -45.67 39.81 17.49
CA ILE C 231 -44.68 39.92 18.56
C ILE C 231 -43.27 39.62 18.04
N CYS C 232 -42.33 40.53 18.34
CA CYS C 232 -40.92 40.33 18.03
C CYS C 232 -40.24 39.67 19.23
N ASN C 233 -39.69 38.48 19.01
CA ASN C 233 -39.07 37.72 20.08
C ASN C 233 -37.56 37.72 19.95
N VAL C 234 -36.89 38.44 20.84
CA VAL C 234 -35.44 38.56 20.78
C VAL C 234 -34.76 37.79 21.91
N ASN C 235 -33.97 36.80 21.54
CA ASN C 235 -33.31 35.93 22.52
C ASN C 235 -31.80 36.11 22.48
N HIS C 236 -31.24 36.69 23.55
CA HIS C 236 -29.82 36.95 23.62
C HIS C 236 -29.16 36.00 24.62
N LYS C 237 -28.60 34.90 24.11
CA LYS C 237 -28.08 33.84 24.98
C LYS C 237 -27.00 34.31 25.96
N PRO C 238 -25.97 35.04 25.51
CA PRO C 238 -24.80 35.44 26.29
C PRO C 238 -25.15 36.33 27.48
N SER C 239 -26.33 36.95 27.44
CA SER C 239 -26.74 37.85 28.52
C SER C 239 -27.96 37.32 29.25
N ASN C 240 -28.36 36.09 28.94
CA ASN C 240 -29.53 35.48 29.55
C ASN C 240 -30.72 36.41 29.48
N THR C 241 -30.89 37.08 28.36
CA THR C 241 -31.94 38.09 28.22
C THR C 241 -32.89 37.79 27.08
N LYS C 242 -34.18 37.85 27.38
CA LYS C 242 -35.22 37.62 26.37
C LYS C 242 -36.23 38.76 26.39
N VAL C 243 -36.46 39.36 25.23
CA VAL C 243 -37.39 40.48 25.14
C VAL C 243 -38.53 40.19 24.16
N ASP C 244 -39.75 40.30 24.66
CA ASP C 244 -40.93 40.12 23.83
C ASP C 244 -41.61 41.46 23.59
N LYS C 245 -41.51 41.96 22.36
CA LYS C 245 -42.02 43.30 22.07
C LYS C 245 -43.18 43.26 21.07
N ARG C 246 -44.28 43.92 21.45
CA ARG C 246 -45.47 43.98 20.62
C ARG C 246 -45.41 45.15 19.63
N VAL C 247 -45.65 44.86 18.36
CA VAL C 247 -45.58 45.89 17.32
C VAL C 247 -46.96 46.28 16.83
N GLU C 248 -47.31 47.57 16.98
CA GLU C 248 -48.61 48.07 16.57
C GLU C 248 -48.52 49.56 16.20
N PRO C 249 -49.31 50.05 15.21
CA PRO C 249 -49.56 51.45 14.90
C PRO C 249 -50.02 52.23 16.13
N ASP D 26 3.33 42.62 -0.35
CA ASP D 26 3.65 43.54 -1.44
C ASP D 26 2.91 43.19 -2.73
N ILE D 27 2.74 41.89 -2.99
CA ILE D 27 2.08 41.40 -4.20
C ILE D 27 0.73 40.79 -3.87
N GLN D 28 -0.31 41.25 -4.56
CA GLN D 28 -1.66 40.79 -4.31
C GLN D 28 -2.26 40.08 -5.51
N LEU D 29 -3.22 39.20 -5.23
CA LEU D 29 -3.99 38.55 -6.29
C LEU D 29 -5.30 39.28 -6.51
N THR D 30 -5.65 39.45 -7.77
CA THR D 30 -6.89 40.13 -8.12
C THR D 30 -7.83 39.23 -8.92
N GLN D 31 -9.06 39.11 -8.43
CA GLN D 31 -10.10 38.33 -9.09
C GLN D 31 -11.13 39.25 -9.71
N SER D 32 -12.14 38.66 -10.36
CA SER D 32 -13.20 39.44 -11.00
C SER D 32 -13.77 40.44 -9.98
N PRO D 33 -14.23 41.61 -10.44
CA PRO D 33 -14.54 42.78 -9.63
C PRO D 33 -15.41 42.51 -8.41
N SER D 34 -16.38 41.60 -8.55
CA SER D 34 -17.28 41.32 -7.44
C SER D 34 -17.93 39.95 -7.53
N SER D 35 -18.96 39.86 -8.37
CA SER D 35 -19.74 38.65 -8.47
C SER D 35 -20.23 38.40 -9.89
N LEU D 36 -20.58 37.15 -10.16
CA LEU D 36 -21.09 36.75 -11.46
C LEU D 36 -22.49 36.18 -11.33
N SER D 37 -23.44 36.73 -12.07
CA SER D 37 -24.81 36.23 -12.05
C SER D 37 -25.05 35.28 -13.20
N ALA D 38 -25.46 34.05 -12.89
CA ALA D 38 -25.69 33.05 -13.93
C ALA D 38 -26.75 32.04 -13.50
N SER D 39 -27.44 31.48 -14.48
CA SER D 39 -28.47 30.48 -14.22
C SER D 39 -27.89 29.08 -14.15
N VAL D 40 -28.68 28.15 -13.64
CA VAL D 40 -28.28 26.75 -13.59
C VAL D 40 -28.15 26.20 -15.02
N GLY D 41 -27.05 25.52 -15.28
CA GLY D 41 -26.77 24.98 -16.60
C GLY D 41 -25.90 25.93 -17.43
N ASP D 42 -25.64 27.13 -16.91
CA ASP D 42 -24.83 28.11 -17.62
C ASP D 42 -23.34 27.85 -17.39
N ARG D 43 -22.49 28.66 -18.03
CA ARG D 43 -21.05 28.49 -17.92
C ARG D 43 -20.40 29.69 -17.23
N VAL D 44 -19.59 29.41 -16.22
CA VAL D 44 -18.95 30.47 -15.43
C VAL D 44 -17.44 30.41 -15.49
N THR D 45 -16.82 31.54 -15.78
CA THR D 45 -15.37 31.64 -15.76
C THR D 45 -14.90 32.72 -14.80
N ILE D 46 -14.01 32.35 -13.89
CA ILE D 46 -13.44 33.28 -12.93
C ILE D 46 -11.95 33.46 -13.18
N THR D 47 -11.53 34.71 -13.37
CA THR D 47 -10.13 34.99 -13.68
C THR D 47 -9.39 35.57 -12.49
N CYS D 48 -8.18 35.06 -12.23
CA CYS D 48 -7.32 35.53 -11.15
C CYS D 48 -5.91 35.80 -11.65
N ARG D 49 -5.39 36.99 -11.33
CA ARG D 49 -4.05 37.38 -11.76
C ARG D 49 -3.27 38.03 -10.64
N ALA D 50 -1.95 37.88 -10.67
CA ALA D 50 -1.10 38.56 -9.72
C ALA D 50 -0.56 39.85 -10.33
N SER D 51 -0.35 40.86 -9.50
CA SER D 51 0.27 42.10 -9.98
C SER D 51 1.71 41.86 -10.39
N GLN D 52 2.34 40.87 -9.75
CA GLN D 52 3.69 40.43 -10.09
C GLN D 52 3.72 38.92 -10.07
N ARG D 53 4.59 38.31 -10.86
CA ARG D 53 4.63 36.86 -10.89
C ARG D 53 5.00 36.29 -9.53
N ILE D 54 4.21 35.34 -9.06
CA ILE D 54 4.46 34.70 -7.78
C ILE D 54 4.94 33.27 -7.95
N SER D 55 4.23 32.51 -8.76
CA SER D 55 4.51 31.10 -8.93
C SER D 55 3.96 30.58 -10.25
N SER D 56 4.28 29.34 -10.57
CA SER D 56 3.81 28.71 -11.79
C SER D 56 2.43 28.10 -11.61
N TYR D 57 1.95 28.05 -10.37
CA TYR D 57 0.68 27.37 -10.10
C TYR D 57 -0.26 28.23 -9.26
N LEU D 58 -1.57 28.03 -9.49
CA LEU D 58 -2.58 28.71 -8.71
C LEU D 58 -3.58 27.72 -8.13
N ASN D 59 -3.91 27.87 -6.85
CA ASN D 59 -4.91 27.01 -6.23
C ASN D 59 -6.28 27.68 -6.26
N TRP D 60 -7.34 26.88 -6.27
CA TRP D 60 -8.69 27.41 -6.18
C TRP D 60 -9.48 26.79 -5.03
N TYR D 61 -10.21 27.63 -4.31
CA TYR D 61 -11.04 27.20 -3.19
C TYR D 61 -12.50 27.61 -3.38
N GLN D 62 -13.41 26.83 -2.82
CA GLN D 62 -14.84 27.15 -2.84
C GLN D 62 -15.39 27.25 -1.42
N GLN D 63 -16.08 28.35 -1.13
CA GLN D 63 -16.66 28.52 0.19
C GLN D 63 -18.14 28.89 0.14
N LYS D 64 -18.93 28.22 0.96
CA LYS D 64 -20.33 28.56 1.12
C LYS D 64 -20.53 29.16 2.51
N PRO D 65 -21.51 30.03 2.71
CA PRO D 65 -21.79 30.70 3.97
C PRO D 65 -21.93 29.69 5.09
N GLY D 66 -21.23 29.94 6.19
CA GLY D 66 -21.31 29.07 7.36
C GLY D 66 -20.40 27.84 7.24
N LYS D 67 -19.67 27.73 6.14
CA LYS D 67 -18.83 26.57 5.90
C LYS D 67 -17.36 26.93 5.68
N ALA D 68 -16.48 25.99 6.00
CA ALA D 68 -15.06 26.14 5.73
C ALA D 68 -14.81 26.05 4.22
N PRO D 69 -13.76 26.72 3.71
CA PRO D 69 -13.27 26.64 2.35
C PRO D 69 -12.91 25.21 1.95
N LYS D 70 -13.28 24.83 0.73
CA LYS D 70 -12.93 23.53 0.18
C LYS D 70 -11.98 23.70 -0.99
N LEU D 71 -10.93 22.90 -1.04
CA LEU D 71 -9.99 22.95 -2.15
C LEU D 71 -10.58 22.24 -3.36
N LEU D 72 -10.57 22.91 -4.50
CA LEU D 72 -11.05 22.29 -5.72
C LEU D 72 -9.89 21.96 -6.65
N ILE D 73 -8.98 22.91 -6.80
CA ILE D 73 -7.85 22.76 -7.71
C ILE D 73 -6.54 23.14 -7.05
N TYR D 74 -5.53 22.31 -7.27
CA TYR D 74 -4.18 22.61 -6.86
C TYR D 74 -3.23 22.34 -8.02
N GLY D 75 -2.11 23.04 -8.05
CA GLY D 75 -1.17 22.82 -9.13
C GLY D 75 -1.70 23.41 -10.44
N ALA D 76 -2.62 24.36 -10.32
CA ALA D 76 -3.26 25.04 -11.44
C ALA D 76 -4.29 24.16 -12.15
N PHE D 77 -3.91 22.91 -12.45
CA PHE D 77 -4.74 22.06 -13.29
C PHE D 77 -5.32 20.83 -12.61
N SER D 78 -4.82 20.48 -11.43
CA SER D 78 -5.18 19.20 -10.85
C SER D 78 -6.40 19.29 -9.92
N LEU D 79 -7.42 18.50 -10.22
CA LEU D 79 -8.61 18.46 -9.39
C LEU D 79 -8.40 17.61 -8.15
N GLN D 80 -8.98 18.05 -7.05
CA GLN D 80 -8.93 17.29 -5.80
C GLN D 80 -9.98 16.18 -5.81
N SER D 81 -9.69 15.09 -5.11
CA SER D 81 -10.63 13.98 -5.06
C SER D 81 -11.97 14.43 -4.50
N GLY D 82 -13.05 13.97 -5.11
CA GLY D 82 -14.40 14.32 -4.68
C GLY D 82 -14.94 15.51 -5.47
N VAL D 83 -14.07 16.14 -6.25
CA VAL D 83 -14.46 17.28 -7.07
C VAL D 83 -14.87 16.82 -8.46
N PRO D 84 -16.09 17.17 -8.89
CA PRO D 84 -16.70 16.77 -10.15
C PRO D 84 -15.99 17.41 -11.34
N SER D 85 -16.14 16.77 -12.50
CA SER D 85 -15.49 17.19 -13.74
C SER D 85 -15.99 18.54 -14.23
N ARG D 86 -17.06 19.02 -13.61
CA ARG D 86 -17.63 20.32 -13.97
C ARG D 86 -16.61 21.43 -13.80
N PHE D 87 -15.72 21.27 -12.82
CA PHE D 87 -14.69 22.26 -12.55
C PHE D 87 -13.43 21.97 -13.36
N SER D 88 -12.89 22.98 -14.01
CA SER D 88 -11.68 22.80 -14.79
C SER D 88 -10.74 23.99 -14.66
N GLY D 89 -9.46 23.70 -14.39
CA GLY D 89 -8.45 24.76 -14.30
C GLY D 89 -7.87 25.08 -15.67
N SER D 90 -7.51 26.34 -15.87
CA SER D 90 -6.89 26.79 -17.11
C SER D 90 -6.20 28.13 -16.90
N GLY D 91 -5.86 28.79 -18.01
CA GLY D 91 -5.29 30.13 -17.92
C GLY D 91 -4.82 30.64 -19.28
N SER D 92 -4.56 31.94 -19.33
CA SER D 92 -4.04 32.61 -20.52
C SER D 92 -3.07 33.70 -20.12
N GLY D 93 -1.83 33.58 -20.55
CA GLY D 93 -0.79 34.52 -20.15
C GLY D 93 -0.57 34.43 -18.66
N THR D 94 -0.60 35.57 -17.99
CA THR D 94 -0.37 35.63 -16.55
C THR D 94 -1.64 35.42 -15.76
N ASP D 95 -2.76 35.31 -16.47
CA ASP D 95 -4.06 35.24 -15.84
C ASP D 95 -4.62 33.82 -15.81
N PHE D 96 -4.76 33.27 -14.62
CA PHE D 96 -5.29 31.93 -14.42
C PHE D 96 -6.80 31.97 -14.39
N THR D 97 -7.45 30.90 -14.83
CA THR D 97 -8.90 30.88 -14.78
C THR D 97 -9.47 29.61 -14.15
N LEU D 98 -10.67 29.76 -13.59
CA LEU D 98 -11.46 28.63 -13.12
C LEU D 98 -12.76 28.57 -13.92
N THR D 99 -13.00 27.43 -14.56
CA THR D 99 -14.19 27.30 -15.40
C THR D 99 -15.14 26.25 -14.87
N ILE D 100 -16.42 26.62 -14.79
CA ILE D 100 -17.48 25.66 -14.48
C ILE D 100 -18.28 25.42 -15.75
N SER D 101 -18.18 24.21 -16.30
CA SER D 101 -18.77 23.93 -17.61
C SER D 101 -20.28 24.02 -17.61
N SER D 102 -20.88 23.69 -16.48
CA SER D 102 -22.33 23.76 -16.33
C SER D 102 -22.70 23.93 -14.86
N LEU D 103 -23.30 25.07 -14.52
CA LEU D 103 -23.63 25.31 -13.13
C LEU D 103 -24.71 24.38 -12.62
N GLN D 104 -24.46 23.84 -11.44
CA GLN D 104 -25.47 23.11 -10.68
C GLN D 104 -25.95 24.02 -9.55
N PRO D 105 -27.11 23.75 -8.95
CA PRO D 105 -27.64 24.44 -7.79
C PRO D 105 -26.67 24.44 -6.62
N GLU D 106 -25.75 23.47 -6.62
CA GLU D 106 -24.77 23.33 -5.55
C GLU D 106 -23.46 24.08 -5.84
N ASP D 107 -23.37 24.72 -7.00
CA ASP D 107 -22.14 25.41 -7.39
C ASP D 107 -22.16 26.89 -7.08
N PHE D 108 -23.19 27.35 -6.38
CA PHE D 108 -23.29 28.77 -6.04
C PHE D 108 -22.57 29.04 -4.73
N ALA D 109 -21.41 29.66 -4.84
CA ALA D 109 -20.49 29.82 -3.73
C ALA D 109 -19.49 30.93 -4.03
N THR D 110 -18.70 31.31 -3.03
CA THR D 110 -17.62 32.26 -3.24
C THR D 110 -16.32 31.52 -3.51
N TYR D 111 -15.66 31.87 -4.61
CA TYR D 111 -14.44 31.18 -4.99
C TYR D 111 -13.21 32.05 -4.76
N TYR D 112 -12.14 31.44 -4.25
CA TYR D 112 -10.90 32.14 -3.96
C TYR D 112 -9.73 31.53 -4.70
N CYS D 113 -8.74 32.36 -5.06
CA CYS D 113 -7.51 31.90 -5.68
C CYS D 113 -6.31 32.13 -4.74
N GLN D 114 -5.31 31.25 -4.83
CA GLN D 114 -4.16 31.31 -3.93
C GLN D 114 -2.80 30.99 -4.56
N GLN D 115 -1.78 31.75 -4.17
CA GLN D 115 -0.39 31.47 -4.57
C GLN D 115 0.54 31.52 -3.36
N SER D 116 1.63 30.74 -3.40
CA SER D 116 2.48 30.56 -2.23
C SER D 116 3.80 31.33 -2.20
N TYR D 117 4.27 31.84 -3.32
CA TYR D 117 5.60 32.45 -3.40
C TYR D 117 6.71 31.44 -3.11
N ARG D 118 6.38 30.16 -3.20
CA ARG D 118 7.31 29.09 -2.85
C ARG D 118 7.82 29.23 -1.43
N THR D 119 6.95 29.70 -0.54
CA THR D 119 7.23 29.77 0.89
C THR D 119 5.94 29.67 1.67
N LEU D 120 6.02 29.87 2.98
CA LEU D 120 4.86 29.68 3.85
C LEU D 120 3.84 30.81 3.72
N THR D 121 4.28 31.96 3.20
CA THR D 121 3.44 33.14 3.14
C THR D 121 2.44 33.09 1.99
N ARG D 122 1.43 32.24 2.10
CA ARG D 122 0.40 32.11 1.08
C ARG D 122 -0.49 33.35 1.03
N THR D 123 -0.94 33.70 -0.16
CA THR D 123 -1.84 34.83 -0.32
C THR D 123 -3.12 34.44 -1.07
N PHE D 124 -4.23 35.09 -0.73
CA PHE D 124 -5.51 34.82 -1.36
C PHE D 124 -6.02 36.02 -2.14
N GLY D 125 -6.86 35.76 -3.14
CA GLY D 125 -7.56 36.83 -3.85
C GLY D 125 -8.73 37.33 -3.02
N GLN D 126 -9.44 38.34 -3.51
CA GLN D 126 -10.49 38.95 -2.71
C GLN D 126 -11.76 38.09 -2.65
N GLY D 127 -11.89 37.16 -3.59
CA GLY D 127 -13.05 36.27 -3.63
C GLY D 127 -14.06 36.71 -4.68
N THR D 128 -14.53 35.74 -5.48
CA THR D 128 -15.54 36.00 -6.49
C THR D 128 -16.80 35.21 -6.19
N LYS D 129 -17.92 35.89 -6.07
CA LYS D 129 -19.16 35.23 -5.70
C LYS D 129 -20.02 34.93 -6.90
N VAL D 130 -20.58 33.72 -6.95
CA VAL D 130 -21.51 33.37 -8.02
C VAL D 130 -22.95 33.42 -7.51
N GLU D 131 -23.74 34.27 -8.15
CA GLU D 131 -25.12 34.51 -7.74
C GLU D 131 -26.10 33.86 -8.70
N ILE D 132 -27.31 33.60 -8.22
CA ILE D 132 -28.34 33.00 -9.07
C ILE D 132 -28.98 34.04 -9.99
N LYS D 133 -29.05 33.73 -11.27
CA LYS D 133 -29.69 34.61 -12.24
C LYS D 133 -31.20 34.65 -12.04
N ARG D 134 -31.76 35.84 -12.16
CA ARG D 134 -33.19 36.06 -12.01
C ARG D 134 -33.57 37.30 -12.81
N THR D 135 -34.85 37.49 -13.06
CA THR D 135 -35.29 38.71 -13.72
C THR D 135 -35.21 39.87 -12.74
N VAL D 136 -35.21 41.10 -13.26
CA VAL D 136 -35.09 42.27 -12.42
C VAL D 136 -36.43 42.67 -11.80
N ALA D 137 -36.41 42.89 -10.50
CA ALA D 137 -37.59 43.33 -9.79
C ALA D 137 -37.27 44.54 -8.91
N ALA D 138 -38.16 45.51 -8.91
CA ALA D 138 -38.01 46.71 -8.09
C ALA D 138 -38.24 46.38 -6.62
N PRO D 139 -37.55 47.07 -5.72
CA PRO D 139 -37.70 46.99 -4.28
C PRO D 139 -39.01 47.61 -3.80
N SER D 140 -39.56 47.03 -2.75
CA SER D 140 -40.67 47.66 -2.04
C SER D 140 -40.09 48.46 -0.90
N VAL D 141 -40.37 49.77 -0.87
CA VAL D 141 -39.73 50.65 0.10
C VAL D 141 -40.66 51.05 1.24
N PHE D 142 -40.25 50.75 2.46
CA PHE D 142 -41.02 51.10 3.64
C PHE D 142 -40.17 51.90 4.61
N ILE D 143 -40.73 52.97 5.17
CA ILE D 143 -39.98 53.80 6.11
C ILE D 143 -40.53 53.70 7.52
N PHE D 144 -39.63 53.47 8.46
CA PHE D 144 -40.01 53.32 9.85
C PHE D 144 -39.39 54.42 10.73
N PRO D 145 -40.19 55.39 11.18
CA PRO D 145 -39.85 56.46 12.09
C PRO D 145 -39.42 55.85 13.44
N PRO D 146 -38.59 56.56 14.21
CA PRO D 146 -38.15 56.21 15.55
C PRO D 146 -39.33 56.00 16.49
N SER D 147 -39.23 54.97 17.33
CA SER D 147 -40.26 54.67 18.31
C SER D 147 -40.17 55.63 19.49
N ASP D 148 -41.23 55.68 20.29
CA ASP D 148 -41.25 56.52 21.47
C ASP D 148 -40.23 56.06 22.49
N GLU D 149 -40.05 54.75 22.58
CA GLU D 149 -39.11 54.16 23.53
C GLU D 149 -37.67 54.57 23.21
N GLN D 150 -37.36 54.68 21.93
CA GLN D 150 -36.02 55.04 21.52
C GLN D 150 -35.75 56.53 21.70
N LEU D 151 -36.74 57.35 21.39
CA LEU D 151 -36.57 58.80 21.53
C LEU D 151 -36.39 59.17 22.99
N LYS D 152 -37.09 58.46 23.87
CA LYS D 152 -36.98 58.70 25.30
C LYS D 152 -35.64 58.21 25.84
N SER D 153 -34.90 57.46 25.02
CA SER D 153 -33.62 56.92 25.41
C SER D 153 -32.49 57.89 25.05
N GLY D 154 -32.85 58.99 24.40
CA GLY D 154 -31.87 60.02 24.04
C GLY D 154 -31.29 59.82 22.63
N THR D 155 -31.83 58.86 21.89
CA THR D 155 -31.34 58.59 20.56
C THR D 155 -32.48 58.40 19.57
N ALA D 156 -32.16 58.36 18.28
CA ALA D 156 -33.18 58.12 17.27
C ALA D 156 -32.61 57.28 16.14
N SER D 157 -33.46 56.44 15.55
CA SER D 157 -33.04 55.62 14.43
C SER D 157 -34.12 55.54 13.37
N VAL D 158 -33.78 55.94 12.15
CA VAL D 158 -34.73 55.90 11.06
C VAL D 158 -34.37 54.77 10.12
N VAL D 159 -35.31 53.88 9.84
CA VAL D 159 -34.99 52.70 9.03
C VAL D 159 -35.72 52.69 7.68
N CYS D 160 -34.94 52.52 6.60
CA CYS D 160 -35.46 52.41 5.25
C CYS D 160 -35.34 50.97 4.75
N LEU D 161 -36.48 50.33 4.55
CA LEU D 161 -36.51 48.92 4.20
C LEU D 161 -36.81 48.69 2.72
N LEU D 162 -35.92 47.95 2.05
CA LEU D 162 -36.09 47.58 0.66
C LEU D 162 -36.30 46.07 0.54
N ASN D 163 -37.50 45.65 0.16
CA ASN D 163 -37.79 44.22 0.07
C ASN D 163 -37.83 43.68 -1.35
N ASN D 164 -37.40 42.42 -1.49
CA ASN D 164 -37.58 41.63 -2.70
C ASN D 164 -37.11 42.26 -4.00
N PHE D 165 -35.88 42.76 -4.02
CA PHE D 165 -35.32 43.28 -5.27
C PHE D 165 -34.21 42.34 -5.73
N TYR D 166 -33.97 42.27 -7.04
CA TYR D 166 -33.00 41.26 -7.50
C TYR D 166 -31.54 41.74 -7.62
N PRO D 167 -31.23 42.81 -8.35
CA PRO D 167 -29.91 43.40 -8.40
C PRO D 167 -29.48 43.76 -7.00
N ARG D 168 -28.27 43.35 -6.62
CA ARG D 168 -27.80 43.59 -5.26
C ARG D 168 -27.36 45.03 -5.07
N GLU D 169 -26.90 45.66 -6.15
CA GLU D 169 -26.34 47.00 -6.08
C GLU D 169 -27.43 48.07 -6.07
N ALA D 170 -28.17 48.14 -4.97
CA ALA D 170 -29.16 49.19 -4.75
C ALA D 170 -28.47 50.43 -4.22
N LYS D 171 -28.95 51.60 -4.63
CA LYS D 171 -28.38 52.85 -4.13
C LYS D 171 -29.38 53.59 -3.25
N VAL D 172 -29.04 53.75 -1.98
CA VAL D 172 -29.93 54.40 -1.04
C VAL D 172 -29.25 55.59 -0.36
N GLN D 173 -29.93 56.72 -0.37
CA GLN D 173 -29.39 57.92 0.29
C GLN D 173 -30.39 58.50 1.28
N TRP D 174 -29.87 59.03 2.38
CA TRP D 174 -30.71 59.69 3.36
C TRP D 174 -30.74 61.19 3.18
N LYS D 175 -31.92 61.77 3.30
CA LYS D 175 -32.07 63.21 3.24
C LYS D 175 -32.82 63.73 4.46
N VAL D 176 -32.33 64.83 5.01
CA VAL D 176 -32.97 65.47 6.16
C VAL D 176 -33.27 66.93 5.84
N ASP D 177 -34.53 67.31 5.97
CA ASP D 177 -34.96 68.65 5.57
C ASP D 177 -34.53 68.95 4.14
N ASN D 178 -34.65 67.93 3.28
CA ASN D 178 -34.30 68.02 1.86
C ASN D 178 -32.81 68.26 1.63
N ALA D 179 -31.99 67.96 2.64
CA ALA D 179 -30.54 68.04 2.49
C ALA D 179 -29.93 66.65 2.51
N LEU D 180 -28.94 66.42 1.65
CA LEU D 180 -28.28 65.12 1.58
C LEU D 180 -27.35 64.90 2.75
N GLN D 181 -27.43 63.72 3.37
CA GLN D 181 -26.52 63.37 4.45
C GLN D 181 -25.80 62.06 4.17
N SER D 182 -24.58 61.95 4.68
CA SER D 182 -23.81 60.71 4.57
C SER D 182 -22.83 60.60 5.73
N GLY D 183 -22.38 59.37 6.00
CA GLY D 183 -21.39 59.13 7.05
C GLY D 183 -22.04 58.90 8.40
N ASN D 184 -23.35 59.06 8.47
CA ASN D 184 -24.10 58.88 9.71
C ASN D 184 -25.14 57.78 9.57
N SER D 185 -24.89 56.84 8.66
CA SER D 185 -25.81 55.75 8.40
C SER D 185 -25.07 54.46 8.06
N GLN D 186 -25.76 53.34 8.26
CA GLN D 186 -25.20 52.02 7.95
C GLN D 186 -26.20 51.17 7.18
N GLU D 187 -25.68 50.27 6.34
CA GLU D 187 -26.55 49.38 5.58
C GLU D 187 -26.25 47.91 5.84
N SER D 188 -27.31 47.10 5.82
CA SER D 188 -27.16 45.66 5.94
C SER D 188 -27.99 44.95 4.88
N VAL D 189 -27.38 44.01 4.19
CA VAL D 189 -28.06 43.30 3.11
C VAL D 189 -28.04 41.80 3.35
N THR D 190 -29.19 41.17 3.17
CA THR D 190 -29.33 39.74 3.41
C THR D 190 -28.74 38.94 2.27
N GLU D 191 -28.57 37.64 2.50
CA GLU D 191 -28.13 36.73 1.44
C GLU D 191 -29.26 36.50 0.46
N GLN D 192 -28.92 36.09 -0.75
CA GLN D 192 -29.94 35.86 -1.76
C GLN D 192 -30.94 34.82 -1.27
N ASP D 193 -32.22 35.13 -1.39
CA ASP D 193 -33.28 34.27 -0.90
C ASP D 193 -33.26 32.91 -1.58
N SER D 194 -33.57 31.86 -0.82
CA SER D 194 -33.52 30.50 -1.31
C SER D 194 -34.69 30.13 -2.21
N LYS D 195 -35.78 30.89 -2.14
CA LYS D 195 -36.97 30.56 -2.93
C LYS D 195 -37.26 31.60 -4.00
N ASP D 196 -37.14 32.87 -3.66
CA ASP D 196 -37.44 33.95 -4.60
C ASP D 196 -36.18 34.46 -5.30
N SER D 197 -35.02 34.05 -4.82
CA SER D 197 -33.74 34.51 -5.34
C SER D 197 -33.65 36.04 -5.36
N THR D 198 -34.11 36.68 -4.29
CA THR D 198 -34.07 38.15 -4.17
C THR D 198 -33.28 38.59 -2.96
N TYR D 199 -33.02 39.89 -2.87
CA TYR D 199 -32.28 40.48 -1.76
C TYR D 199 -33.16 41.43 -0.96
N SER D 200 -32.81 41.60 0.31
CA SER D 200 -33.45 42.61 1.15
C SER D 200 -32.39 43.52 1.75
N LEU D 201 -32.67 44.82 1.77
CA LEU D 201 -31.73 45.81 2.29
C LEU D 201 -32.35 46.66 3.38
N SER D 202 -31.59 46.90 4.44
CA SER D 202 -32.04 47.76 5.52
C SER D 202 -31.03 48.85 5.82
N SER D 203 -31.42 50.09 5.53
CA SER D 203 -30.54 51.23 5.76
C SER D 203 -30.98 51.99 7.01
N THR D 204 -30.05 52.18 7.94
CA THR D 204 -30.37 52.83 9.19
C THR D 204 -29.63 54.15 9.37
N LEU D 205 -30.40 55.21 9.62
CA LEU D 205 -29.85 56.54 9.87
C LEU D 205 -29.79 56.80 11.37
N THR D 206 -28.60 57.08 11.88
CA THR D 206 -28.41 57.28 13.32
C THR D 206 -28.35 58.75 13.68
N LEU D 207 -29.25 59.17 14.55
CA LEU D 207 -29.35 60.55 14.99
C LEU D 207 -29.48 60.65 16.50
N SER D 208 -28.98 61.74 17.08
CA SER D 208 -29.23 62.00 18.49
C SER D 208 -30.64 62.55 18.66
N LYS D 209 -31.19 62.46 19.87
CA LYS D 209 -32.51 63.02 20.12
C LYS D 209 -32.50 64.52 19.92
N ALA D 210 -31.43 65.17 20.37
CA ALA D 210 -31.34 66.62 20.30
C ALA D 210 -31.36 67.12 18.87
N ASP D 211 -30.72 66.38 17.97
CA ASP D 211 -30.67 66.81 16.58
C ASP D 211 -31.88 66.32 15.79
N TYR D 212 -32.43 65.18 16.19
CA TYR D 212 -33.59 64.63 15.51
C TYR D 212 -34.74 65.63 15.53
N GLU D 213 -34.91 66.29 16.66
CA GLU D 213 -36.03 67.20 16.87
C GLU D 213 -35.81 68.56 16.22
N LYS D 214 -34.63 68.77 15.62
CA LYS D 214 -34.33 70.03 14.97
C LYS D 214 -34.78 70.02 13.50
N HIS D 215 -35.24 68.86 13.04
CA HIS D 215 -35.62 68.70 11.64
C HIS D 215 -37.11 68.38 11.51
N LYS D 216 -37.70 68.79 10.39
CA LYS D 216 -39.14 68.63 10.22
C LYS D 216 -39.51 67.48 9.29
N VAL D 217 -38.66 67.19 8.32
CA VAL D 217 -38.95 66.10 7.38
C VAL D 217 -37.75 65.18 7.17
N TYR D 218 -38.02 63.88 7.16
CA TYR D 218 -37.01 62.88 6.87
C TYR D 218 -37.41 62.08 5.63
N ALA D 219 -36.44 61.74 4.80
CA ALA D 219 -36.75 61.01 3.59
C ALA D 219 -35.65 60.03 3.19
N CYS D 220 -36.07 58.91 2.58
CA CYS D 220 -35.17 57.90 2.02
C CYS D 220 -35.28 57.92 0.50
N GLU D 221 -34.16 58.16 -0.16
CA GLU D 221 -34.11 58.18 -1.61
C GLU D 221 -33.56 56.87 -2.15
N VAL D 222 -34.37 56.15 -2.92
CA VAL D 222 -33.95 54.87 -3.44
C VAL D 222 -33.84 54.85 -4.96
N THR D 223 -32.65 54.52 -5.45
CA THR D 223 -32.41 54.37 -6.87
C THR D 223 -32.09 52.91 -7.18
N HIS D 224 -32.75 52.36 -8.18
CA HIS D 224 -32.60 50.94 -8.48
C HIS D 224 -32.85 50.64 -9.95
N GLN D 225 -32.22 49.58 -10.44
CA GLN D 225 -32.29 49.18 -11.84
C GLN D 225 -33.69 48.74 -12.26
N GLY D 226 -34.49 48.31 -11.30
CA GLY D 226 -35.84 47.84 -11.58
C GLY D 226 -36.86 48.97 -11.56
N LEU D 227 -36.40 50.19 -11.31
CA LEU D 227 -37.28 51.34 -11.26
C LEU D 227 -37.13 52.20 -12.51
N SER D 228 -38.24 52.74 -12.99
CA SER D 228 -38.22 53.66 -14.13
C SER D 228 -37.70 55.02 -13.69
N SER D 229 -37.79 55.28 -12.40
CA SER D 229 -37.30 56.51 -11.80
C SER D 229 -37.06 56.27 -10.32
N PRO D 230 -36.16 57.03 -9.68
CA PRO D 230 -35.89 57.02 -8.25
C PRO D 230 -37.16 57.27 -7.46
N VAL D 231 -37.31 56.54 -6.35
CA VAL D 231 -38.49 56.67 -5.52
C VAL D 231 -38.12 57.20 -4.14
N THR D 232 -38.85 58.21 -3.69
CA THR D 232 -38.57 58.79 -2.38
C THR D 232 -39.75 58.65 -1.44
N LYS D 233 -39.47 58.12 -0.26
CA LYS D 233 -40.47 57.98 0.79
C LYS D 233 -40.09 58.87 1.97
N SER D 234 -41.09 59.46 2.62
CA SER D 234 -40.79 60.41 3.69
C SER D 234 -41.85 60.45 4.78
N PHE D 235 -41.48 61.05 5.91
CA PHE D 235 -42.38 61.26 7.04
C PHE D 235 -42.00 62.51 7.81
N ASN D 236 -42.93 63.01 8.63
CA ASN D 236 -42.70 64.20 9.46
C ASN D 236 -42.72 63.82 10.94
#